data_8WCE
#
_entry.id   8WCE
#
loop_
_entity.id
_entity.type
_entity.pdbx_description
1 polymer 'Uncharacterized protein'
2 polymer 'RNA (66-MER)'
3 polymer 'RNA (31-MER)'
4 non-polymer 'MAGNESIUM ION'
#
loop_
_entity_poly.entity_id
_entity_poly.type
_entity_poly.pdbx_seq_one_letter_code
_entity_poly.pdbx_strand_id
1 'polypeptide(L)'
;MDTPSKESSGKIIEKLDELKKATQESIEQRKKFDYRIGKGLADKLGNEKDSYFEKYLRKTVGENIPPKILVKPKGGWKTE
TKGKGKDWGDKITFAAMPQHHYNTLLAMAFTKAHKVYSDIRGKVEIDAAQYETKAKLIEVEYGKDETRGLSGLEYLMMSK
HLFSGKNSNIKLAVKKGETEILKEYALNEKLIYTVLDELRNFHSHIFHEPGPVSFKNLYGDEYKPEKKLTEEEWAIARDW
FVNRFNDAKEHKLKTLAKVLEREGTTEEKEDAEKVIKTISGYSFEYNNCISREALLFIACMFLRKSDAAYFTKKWTGMKK
AEGVFKSTQSFFTDNALKESKSILTLNADLYKYRQILGVLSTMPAMKTDSLKPFYDFIKINNDSYSEKAEKARSKEEKEK
IQAFIIPQRKSSNYTYWFMKYLNDNKLLDGFRIAYYKTPEDRFMYLIHNGLISQDDLENIEDFKTPDEKLKYLREKGFNL
KLKMKQAVGDEKKSLTEIYKETQRNFVFKVPTIENDNFCVKKLNVFFQTDIEFNGQKISVQLSVSPDFLMKWVFVLLITG
EDSIKNAITEKKEKIKDILKKYAEEYYNRCITSNFNEPLMGLEASKVFPSSLTSTVEIDEKIDKDKILMRISEKYNELTK
FDEENKSRKAPWRFASKRKIDIILDYVHLVYSDRAFDEKKSVDAMRHEALNDMEYMDTFEYLRYYGRYRETEEFKKIFFE
DKKLYFSPILKAMKQLDSLEGVFNFAITGFLNYLKGIQSKVTDENTNKYGKVFKVTGKSLTSKIGHHSEMFSVNHCVPQE
LIKLNDIKGYMKWKHETKDKLWISDFAFIRNVLESRGGFSNTDYLMKEVMPLITFEKNEKGSIKGNTQMFVALSRNKTNE
LMLWEIGKYYWKEATGSEFSRLFKGLEKNTGNKITKAYRFTNPYYTIYQEDLDIKIQRKDKKGKVIVNSPVYTIKIKPKK
FDDEYQYYEQEHIVDYIENYEPKKGIDGHWHFEELNKKIKDELARYLDDIYLLMTVEKHIVQKDFDKYASLLKEKDSKLP
PYYIGFKRNDIALNKVIFDALKHKGSFSADDLNIYRINVLHQILQPKREKYIIIRKSLIEYCAENKLLKTM
;
A
2 'polyribonucleotide' UGCUUCACGUAGGCCUUGGAGCCGUACAUGGUUGUAACAAGCCUAAGUUUGAAAGGUAAAAACAAC G
3 'polyribonucleotide' GCAUGUACGGCUCCAAGGCCUACGUGAAGCA T
#
loop_
_chem_comp.id
_chem_comp.type
_chem_comp.name
_chem_comp.formula
A RNA linking ADENOSINE-5'-MONOPHOSPHATE 'C10 H14 N5 O7 P'
C RNA linking CYTIDINE-5'-MONOPHOSPHATE 'C9 H14 N3 O8 P'
G RNA linking GUANOSINE-5'-MONOPHOSPHATE 'C10 H14 N5 O8 P'
MG non-polymer 'MAGNESIUM ION' 'Mg 2'
U RNA linking URIDINE-5'-MONOPHOSPHATE 'C9 H13 N2 O9 P'
#
# COMPACT_ATOMS: atom_id res chain seq x y z
N PRO A 98 36.19 -30.16 -29.23
CA PRO A 98 37.19 -29.88 -28.21
C PRO A 98 36.58 -29.81 -26.82
N GLN A 99 37.11 -30.57 -25.87
CA GLN A 99 36.55 -30.58 -24.52
C GLN A 99 36.88 -29.30 -23.77
N HIS A 100 38.07 -28.71 -24.02
CA HIS A 100 38.47 -27.52 -23.28
C HIS A 100 37.57 -26.33 -23.60
N HIS A 101 37.17 -26.19 -24.87
CA HIS A 101 36.28 -25.09 -25.27
C HIS A 101 34.95 -25.18 -24.54
N TYR A 102 34.33 -26.36 -24.55
CA TYR A 102 33.06 -26.55 -23.86
C TYR A 102 33.21 -26.37 -22.35
N ASN A 103 34.31 -26.86 -21.78
CA ASN A 103 34.53 -26.72 -20.35
C ASN A 103 34.67 -25.26 -19.95
N THR A 104 35.43 -24.48 -20.71
CA THR A 104 35.59 -23.06 -20.41
C THR A 104 34.28 -22.30 -20.56
N LEU A 105 33.53 -22.57 -21.63
CA LEU A 105 32.26 -21.90 -21.82
C LEU A 105 31.28 -22.23 -20.70
N LEU A 106 31.24 -23.50 -20.30
CA LEU A 106 30.34 -23.90 -19.21
C LEU A 106 30.77 -23.29 -17.89
N ALA A 107 32.08 -23.19 -17.65
CA ALA A 107 32.56 -22.58 -16.42
C ALA A 107 32.16 -21.10 -16.35
N MET A 108 32.34 -20.38 -17.46
CA MET A 108 31.95 -18.98 -17.48
C MET A 108 30.43 -18.82 -17.31
N ALA A 109 29.65 -19.66 -18.00
CA ALA A 109 28.20 -19.57 -17.90
C ALA A 109 27.71 -19.86 -16.49
N PHE A 110 28.27 -20.89 -15.85
CA PHE A 110 27.83 -21.25 -14.51
C PHE A 110 28.28 -20.23 -13.48
N THR A 111 29.47 -19.63 -13.66
CA THR A 111 29.88 -18.55 -12.77
C THR A 111 28.95 -17.35 -12.88
N LYS A 112 28.59 -16.97 -14.12
CA LYS A 112 27.66 -15.87 -14.30
C LYS A 112 26.29 -16.17 -13.71
N ALA A 113 25.82 -17.41 -13.91
CA ALA A 113 24.52 -17.81 -13.36
C ALA A 113 24.54 -17.79 -11.83
N HIS A 114 25.63 -18.26 -11.23
CA HIS A 114 25.73 -18.24 -9.77
C HIS A 114 25.77 -16.81 -9.24
N LYS A 115 26.50 -15.92 -9.92
CA LYS A 115 26.56 -14.53 -9.49
C LYS A 115 25.18 -13.87 -9.58
N VAL A 116 24.47 -14.10 -10.69
CA VAL A 116 23.14 -13.53 -10.85
C VAL A 116 22.18 -14.08 -9.81
N TYR A 117 22.24 -15.39 -9.55
CA TYR A 117 21.36 -16.01 -8.57
C TYR A 117 21.64 -15.50 -7.16
N SER A 118 22.91 -15.33 -6.80
CA SER A 118 23.25 -14.83 -5.49
C SER A 118 22.98 -13.33 -5.35
N ASP A 119 22.90 -12.61 -6.46
CA ASP A 119 22.56 -11.19 -6.38
C ASP A 119 21.13 -10.95 -5.90
N ILE A 120 20.26 -11.96 -5.98
CA ILE A 120 18.88 -11.78 -5.57
C ILE A 120 18.66 -12.17 -4.12
N ARG A 121 19.26 -13.28 -3.68
CA ARG A 121 19.15 -13.73 -2.30
C ARG A 121 20.51 -13.68 -1.62
N GLY A 122 20.58 -13.06 -0.45
CA GLY A 122 21.81 -13.01 0.31
C GLY A 122 21.68 -13.66 1.67
N LYS A 123 20.45 -13.67 2.20
CA LYS A 123 20.14 -14.27 3.48
C LYS A 123 19.15 -15.41 3.31
N VAL A 124 18.55 -15.86 4.41
CA VAL A 124 17.62 -16.99 4.36
C VAL A 124 16.45 -16.72 3.41
N GLU A 125 15.79 -15.57 3.56
CA GLU A 125 14.52 -15.25 2.86
C GLU A 125 13.57 -16.44 2.83
N ILE A 126 13.18 -16.89 4.03
CA ILE A 126 12.09 -17.85 4.27
C ILE A 126 12.23 -19.12 3.43
N ASP A 127 13.46 -19.45 3.02
CA ASP A 127 13.67 -20.56 2.11
C ASP A 127 13.29 -21.89 2.77
N ALA A 128 12.71 -22.79 1.97
CA ALA A 128 12.28 -24.11 2.40
C ALA A 128 11.31 -24.05 3.58
N ALA A 129 10.58 -22.94 3.71
CA ALA A 129 9.65 -22.74 4.81
C ALA A 129 8.35 -22.11 4.35
N GLN A 130 7.94 -22.40 3.12
CA GLN A 130 6.71 -21.83 2.58
C GLN A 130 5.50 -22.40 3.31
N TYR A 131 4.47 -21.56 3.45
CA TYR A 131 3.23 -21.94 4.11
C TYR A 131 2.03 -21.41 3.35
N GLU A 132 2.05 -21.52 2.02
CA GLU A 132 1.00 -21.07 1.12
C GLU A 132 0.83 -19.55 1.13
N THR A 133 0.14 -19.01 0.15
CA THR A 133 -0.07 -17.58 0.03
C THR A 133 -1.47 -17.19 0.47
N LYS A 134 -1.57 -16.08 1.20
CA LYS A 134 -2.86 -15.56 1.65
C LYS A 134 -3.37 -14.49 0.68
N ALA A 135 -3.48 -14.87 -0.59
CA ALA A 135 -3.88 -13.95 -1.64
C ALA A 135 -4.95 -14.61 -2.50
N LYS A 136 -5.92 -13.82 -2.95
CA LYS A 136 -6.97 -14.31 -3.84
C LYS A 136 -6.38 -14.52 -5.22
N LEU A 137 -6.06 -15.77 -5.54
CA LEU A 137 -5.42 -16.10 -6.80
C LEU A 137 -6.44 -16.13 -7.93
N ILE A 138 -6.11 -15.46 -9.03
CA ILE A 138 -6.97 -15.44 -10.22
C ILE A 138 -6.33 -16.34 -11.27
N GLU A 139 -7.07 -17.33 -11.75
CA GLU A 139 -6.58 -18.26 -12.75
C GLU A 139 -6.81 -17.63 -14.14
N VAL A 140 -5.91 -16.70 -14.48
CA VAL A 140 -6.03 -15.94 -15.71
C VAL A 140 -5.70 -16.82 -16.90
N GLU A 141 -6.48 -16.69 -17.97
CA GLU A 141 -6.29 -17.48 -19.18
C GLU A 141 -4.93 -17.17 -19.81
N TYR A 142 -4.43 -18.14 -20.56
CA TYR A 142 -3.08 -18.08 -21.11
C TYR A 142 -3.12 -17.38 -22.47
N GLY A 143 -2.20 -16.45 -22.67
CA GLY A 143 -2.22 -15.66 -23.90
C GLY A 143 -1.91 -16.48 -25.13
N LYS A 144 -2.47 -16.04 -26.26
CA LYS A 144 -2.25 -16.72 -27.53
C LYS A 144 -0.87 -16.40 -28.08
N ASP A 145 -0.25 -17.40 -28.71
CA ASP A 145 1.08 -17.28 -29.33
C ASP A 145 2.15 -16.87 -28.33
N GLU A 146 1.99 -17.25 -27.07
CA GLU A 146 2.97 -16.98 -26.03
C GLU A 146 3.63 -18.29 -25.62
N THR A 147 4.97 -18.31 -25.65
CA THR A 147 5.69 -19.55 -25.38
C THR A 147 5.67 -19.87 -23.90
N ARG A 148 5.26 -21.10 -23.58
CA ARG A 148 5.24 -21.56 -22.20
C ARG A 148 6.67 -21.79 -21.69
N GLY A 149 6.82 -21.72 -20.37
CA GLY A 149 8.14 -21.94 -19.79
C GLY A 149 8.61 -20.71 -19.06
N LEU A 150 9.06 -20.92 -17.82
CA LEU A 150 9.57 -19.86 -16.97
C LEU A 150 11.05 -20.10 -16.69
N SER A 151 11.83 -19.02 -16.69
CA SER A 151 13.23 -19.14 -16.30
C SER A 151 13.33 -19.33 -14.79
N GLY A 152 14.49 -19.80 -14.35
CA GLY A 152 14.72 -19.99 -12.93
C GLY A 152 14.64 -18.71 -12.14
N LEU A 153 15.02 -17.58 -12.76
CA LEU A 153 14.94 -16.30 -12.07
C LEU A 153 13.49 -15.92 -11.77
N GLU A 154 12.57 -16.15 -12.72
CA GLU A 154 11.17 -15.89 -12.44
C GLU A 154 10.62 -16.86 -11.40
N TYR A 155 11.07 -18.12 -11.43
CA TYR A 155 10.69 -19.08 -10.39
C TYR A 155 11.06 -18.55 -9.02
N LEU A 156 12.31 -18.11 -8.86
CA LEU A 156 12.78 -17.57 -7.59
C LEU A 156 11.99 -16.33 -7.19
N MET A 157 11.77 -15.40 -8.14
CA MET A 157 11.13 -14.14 -7.82
C MET A 157 9.67 -14.35 -7.40
N MET A 158 8.93 -15.19 -8.13
CA MET A 158 7.54 -15.42 -7.75
C MET A 158 7.41 -16.29 -6.52
N SER A 159 8.37 -17.19 -6.26
CA SER A 159 8.35 -17.94 -5.01
C SER A 159 8.59 -17.02 -3.82
N LYS A 160 9.48 -16.04 -3.97
CA LYS A 160 9.71 -15.08 -2.89
C LYS A 160 8.51 -14.16 -2.72
N HIS A 161 7.92 -13.69 -3.82
CA HIS A 161 6.86 -12.70 -3.71
C HIS A 161 5.55 -13.31 -3.22
N LEU A 162 5.19 -14.49 -3.73
CA LEU A 162 3.92 -15.10 -3.36
C LEU A 162 3.93 -15.57 -1.92
N PHE A 163 4.99 -16.27 -1.51
CA PHE A 163 5.09 -16.82 -0.15
C PHE A 163 5.92 -15.91 0.74
N SER A 164 5.40 -14.69 0.96
CA SER A 164 6.10 -13.68 1.74
C SER A 164 5.38 -13.34 3.03
N GLY A 165 4.10 -12.95 2.95
CA GLY A 165 3.36 -12.57 4.14
C GLY A 165 2.69 -11.21 4.01
N LYS A 166 3.20 -10.39 3.11
CA LYS A 166 2.63 -9.07 2.84
C LYS A 166 1.61 -9.09 1.72
N ASN A 167 1.29 -10.28 1.19
CA ASN A 167 0.36 -10.42 0.07
C ASN A 167 -1.07 -10.67 0.51
N SER A 168 -1.45 -10.16 1.68
CA SER A 168 -2.73 -10.52 2.30
C SER A 168 -3.87 -9.79 1.58
N ASN A 169 -4.60 -10.55 0.76
CA ASN A 169 -5.82 -10.08 0.08
C ASN A 169 -5.50 -8.84 -0.76
N ILE A 170 -4.91 -9.11 -1.93
CA ILE A 170 -4.65 -8.07 -2.93
C ILE A 170 -5.05 -8.50 -4.33
N LYS A 171 -5.59 -9.70 -4.50
CA LYS A 171 -6.12 -10.21 -5.78
C LYS A 171 -5.05 -10.21 -6.87
N LEU A 172 -4.05 -11.06 -6.66
CA LEU A 172 -2.99 -11.23 -7.64
C LEU A 172 -3.43 -12.14 -8.78
N ALA A 173 -2.71 -12.04 -9.91
CA ALA A 173 -3.02 -12.81 -11.10
C ALA A 173 -1.87 -13.77 -11.40
N VAL A 174 -2.22 -15.04 -11.60
CA VAL A 174 -1.25 -16.08 -11.97
C VAL A 174 -1.84 -16.89 -13.13
N LYS A 175 -0.97 -17.63 -13.80
CA LYS A 175 -1.40 -18.47 -14.90
C LYS A 175 -1.83 -19.85 -14.39
N LYS A 176 -2.24 -20.71 -15.31
CA LYS A 176 -2.71 -22.03 -14.96
C LYS A 176 -1.55 -22.94 -14.59
N GLY A 177 -1.71 -23.68 -13.49
CA GLY A 177 -0.71 -24.64 -13.06
C GLY A 177 0.63 -24.03 -12.68
N GLU A 178 0.60 -22.97 -11.87
CA GLU A 178 1.81 -22.31 -11.42
C GLU A 178 2.08 -22.48 -9.93
N THR A 179 1.04 -22.58 -9.11
CA THR A 179 1.21 -22.61 -7.66
C THR A 179 1.96 -23.87 -7.22
N GLU A 180 1.61 -25.04 -7.78
CA GLU A 180 2.25 -26.27 -7.33
C GLU A 180 3.72 -26.33 -7.77
N ILE A 181 4.03 -25.83 -8.97
CA ILE A 181 5.42 -25.82 -9.40
C ILE A 181 6.21 -24.78 -8.62
N LEU A 182 5.59 -23.68 -8.23
CA LEU A 182 6.26 -22.71 -7.37
C LEU A 182 6.51 -23.29 -5.99
N LYS A 183 5.57 -24.10 -5.47
CA LYS A 183 5.79 -24.78 -4.20
C LYS A 183 6.94 -25.77 -4.30
N GLU A 184 7.01 -26.52 -5.40
CA GLU A 184 8.12 -27.46 -5.60
C GLU A 184 9.46 -26.72 -5.65
N TYR A 185 9.51 -25.59 -6.37
CA TYR A 185 10.74 -24.83 -6.44
C TYR A 185 11.11 -24.22 -5.09
N ALA A 186 10.11 -23.76 -4.34
CA ALA A 186 10.40 -23.24 -3.00
C ALA A 186 10.89 -24.34 -2.07
N LEU A 187 10.47 -25.59 -2.30
CA LEU A 187 10.97 -26.69 -1.50
C LEU A 187 12.40 -27.04 -1.86
N ASN A 188 12.76 -27.01 -3.15
CA ASN A 188 14.05 -27.51 -3.59
C ASN A 188 15.01 -26.40 -4.04
N GLU A 189 14.75 -25.15 -3.66
CA GLU A 189 15.59 -24.04 -4.08
C GLU A 189 17.00 -24.12 -3.48
N LYS A 190 17.10 -24.55 -2.22
CA LYS A 190 18.42 -24.70 -1.62
C LYS A 190 19.25 -25.73 -2.35
N LEU A 191 18.63 -26.85 -2.74
CA LEU A 191 19.32 -27.86 -3.52
C LEU A 191 19.73 -27.32 -4.88
N ILE A 192 18.85 -26.51 -5.50
CA ILE A 192 19.17 -25.93 -6.80
C ILE A 192 20.38 -25.01 -6.70
N TYR A 193 20.40 -24.16 -5.66
CA TYR A 193 21.54 -23.26 -5.46
C TYR A 193 22.82 -24.03 -5.22
N THR A 194 22.77 -25.08 -4.40
CA THR A 194 23.95 -25.88 -4.15
C THR A 194 24.44 -26.57 -5.42
N VAL A 195 23.52 -27.09 -6.23
CA VAL A 195 23.89 -27.75 -7.48
C VAL A 195 24.56 -26.76 -8.42
N LEU A 196 24.00 -25.55 -8.53
CA LEU A 196 24.60 -24.53 -9.40
C LEU A 196 26.02 -24.19 -8.94
N ASP A 197 26.19 -23.99 -7.62
CA ASP A 197 27.52 -23.64 -7.10
C ASP A 197 28.51 -24.77 -7.34
N GLU A 198 28.10 -25.99 -7.08
CA GLU A 198 28.99 -27.12 -7.28
C GLU A 198 29.39 -27.21 -8.74
N LEU A 199 28.40 -27.18 -9.63
CA LEU A 199 28.69 -27.29 -11.05
C LEU A 199 29.66 -26.21 -11.51
N ARG A 200 29.48 -24.98 -11.02
CA ARG A 200 30.42 -23.91 -11.35
C ARG A 200 31.81 -24.23 -10.86
N ASN A 201 31.93 -24.72 -9.62
CA ASN A 201 33.23 -25.06 -9.06
C ASN A 201 33.87 -26.23 -9.81
N PHE A 202 33.07 -27.23 -10.18
CA PHE A 202 33.61 -28.39 -10.90
C PHE A 202 34.11 -27.99 -12.28
N HIS A 203 33.37 -27.15 -13.00
CA HIS A 203 33.78 -26.79 -14.35
C HIS A 203 34.92 -25.78 -14.35
N SER A 204 34.98 -24.87 -13.37
CA SER A 204 36.03 -23.87 -13.32
C SER A 204 37.26 -24.45 -12.63
N HIS A 205 38.03 -25.24 -13.39
CA HIS A 205 39.23 -25.87 -12.90
C HIS A 205 40.37 -25.66 -13.90
N ILE A 206 41.56 -25.39 -13.37
CA ILE A 206 42.75 -25.22 -14.18
C ILE A 206 43.66 -26.44 -14.12
N PHE A 207 44.00 -26.88 -12.91
CA PHE A 207 44.83 -28.06 -12.75
C PHE A 207 44.01 -29.32 -13.02
N HIS A 208 44.54 -30.21 -13.85
CA HIS A 208 43.94 -31.52 -14.12
C HIS A 208 42.51 -31.37 -14.65
N GLU A 209 42.44 -30.84 -15.89
CA GLU A 209 41.23 -30.49 -16.62
C GLU A 209 40.12 -31.52 -16.44
N PRO A 210 38.90 -31.09 -16.08
CA PRO A 210 37.84 -32.03 -15.75
C PRO A 210 37.33 -32.79 -16.96
N GLY A 211 36.76 -33.96 -16.69
CA GLY A 211 36.13 -34.76 -17.70
C GLY A 211 34.62 -34.54 -17.73
N PRO A 212 33.88 -35.53 -18.17
CA PRO A 212 32.42 -35.39 -18.25
C PRO A 212 31.75 -35.58 -16.90
N VAL A 213 30.59 -34.94 -16.75
CA VAL A 213 29.82 -35.03 -15.52
C VAL A 213 28.99 -36.31 -15.56
N SER A 214 29.17 -37.15 -14.56
CA SER A 214 28.45 -38.41 -14.51
C SER A 214 26.99 -38.17 -14.09
N PHE A 215 26.15 -39.18 -14.35
CA PHE A 215 24.77 -39.12 -13.89
C PHE A 215 24.69 -39.07 -12.38
N LYS A 216 25.66 -39.67 -11.68
CA LYS A 216 25.75 -39.56 -10.24
C LYS A 216 26.40 -38.26 -9.78
N ASN A 217 27.09 -37.55 -10.70
CA ASN A 217 27.83 -36.32 -10.37
C ASN A 217 28.85 -36.59 -9.26
N LEU A 218 29.88 -37.36 -9.65
CA LEU A 218 30.83 -37.99 -8.73
C LEU A 218 31.26 -37.06 -7.61
N TYR A 219 31.91 -35.94 -7.96
CA TYR A 219 32.13 -34.83 -7.03
C TYR A 219 32.80 -35.29 -5.73
N GLY A 220 33.77 -36.20 -5.86
CA GLY A 220 34.33 -36.81 -4.67
C GLY A 220 35.78 -37.22 -4.76
N ASP A 221 36.20 -38.09 -3.85
CA ASP A 221 37.57 -38.60 -3.72
C ASP A 221 38.50 -37.40 -3.46
N GLU A 222 39.77 -37.53 -3.83
CA GLU A 222 40.70 -36.43 -3.64
C GLU A 222 40.46 -35.28 -4.62
N TYR A 223 39.74 -35.54 -5.71
CA TYR A 223 39.49 -34.50 -6.70
C TYR A 223 38.60 -33.40 -6.13
N LYS A 224 37.47 -33.78 -5.52
CA LYS A 224 36.54 -32.84 -4.92
C LYS A 224 36.14 -33.32 -3.54
N PRO A 225 37.03 -33.19 -2.54
CA PRO A 225 36.67 -33.63 -1.19
C PRO A 225 35.89 -32.57 -0.44
N GLU A 226 34.94 -31.92 -1.12
CA GLU A 226 34.02 -30.96 -0.54
C GLU A 226 32.58 -31.39 -0.80
N LYS A 227 32.28 -32.66 -0.57
CA LYS A 227 30.98 -33.23 -0.88
C LYS A 227 29.86 -32.51 -0.13
N LYS A 228 29.02 -31.78 -0.87
CA LYS A 228 27.93 -31.02 -0.28
C LYS A 228 26.56 -31.52 -0.68
N LEU A 229 26.49 -32.48 -1.61
CA LEU A 229 25.23 -33.06 -2.05
C LEU A 229 25.33 -34.57 -2.01
N THR A 230 24.39 -35.21 -1.33
CA THR A 230 24.35 -36.66 -1.24
C THR A 230 23.72 -37.24 -2.50
N GLU A 231 23.48 -38.55 -2.50
CA GLU A 231 22.87 -39.19 -3.66
C GLU A 231 21.41 -38.75 -3.82
N GLU A 232 20.66 -38.65 -2.73
CA GLU A 232 19.24 -38.37 -2.83
C GLU A 232 18.98 -36.91 -3.18
N GLU A 233 19.74 -35.99 -2.59
CA GLU A 233 19.54 -34.56 -2.88
C GLU A 233 19.90 -34.25 -4.33
N TRP A 234 21.06 -34.74 -4.79
CA TRP A 234 21.44 -34.57 -6.18
C TRP A 234 20.45 -35.27 -7.10
N ALA A 235 19.92 -36.42 -6.68
CA ALA A 235 18.92 -37.12 -7.48
C ALA A 235 17.66 -36.27 -7.64
N ILE A 236 17.21 -35.63 -6.57
CA ILE A 236 16.02 -34.78 -6.64
C ILE A 236 16.25 -33.59 -7.56
N ALA A 237 17.40 -32.92 -7.39
CA ALA A 237 17.70 -31.77 -8.24
C ALA A 237 17.83 -32.17 -9.71
N ARG A 238 18.50 -33.29 -9.98
CA ARG A 238 18.65 -33.75 -11.34
C ARG A 238 17.32 -34.18 -11.94
N ASP A 239 16.43 -34.76 -11.13
CA ASP A 239 15.08 -35.10 -11.61
C ASP A 239 14.31 -33.85 -12.00
N TRP A 240 14.40 -32.80 -11.18
CA TRP A 240 13.76 -31.54 -11.54
C TRP A 240 14.33 -30.98 -12.86
N PHE A 241 15.65 -31.03 -13.00
CA PHE A 241 16.29 -30.50 -14.20
C PHE A 241 15.89 -31.30 -15.44
N VAL A 242 15.85 -32.63 -15.35
CA VAL A 242 15.51 -33.42 -16.53
C VAL A 242 14.03 -33.26 -16.85
N ASN A 243 13.17 -33.07 -15.84
CA ASN A 243 11.76 -32.79 -16.12
C ASN A 243 11.61 -31.49 -16.89
N ARG A 244 12.32 -30.44 -16.46
CA ARG A 244 12.24 -29.16 -17.17
C ARG A 244 12.82 -29.28 -18.58
N PHE A 245 13.91 -30.03 -18.73
CA PHE A 245 14.52 -30.24 -20.05
C PHE A 245 13.56 -30.96 -20.98
N ASN A 246 12.89 -32.00 -20.50
CA ASN A 246 11.92 -32.72 -21.31
C ASN A 246 10.73 -31.85 -21.69
N ASP A 247 10.25 -31.04 -20.75
CA ASP A 247 9.14 -30.15 -21.05
C ASP A 247 9.52 -29.14 -22.12
N ALA A 248 10.71 -28.54 -22.00
CA ALA A 248 11.16 -27.57 -23.01
C ALA A 248 11.33 -28.24 -24.36
N LYS A 249 11.90 -29.45 -24.39
CA LYS A 249 12.07 -30.16 -25.64
C LYS A 249 10.73 -30.46 -26.30
N GLU A 250 9.75 -30.91 -25.52
CA GLU A 250 8.44 -31.22 -26.06
C GLU A 250 7.75 -29.96 -26.60
N HIS A 251 7.83 -28.86 -25.86
CA HIS A 251 7.21 -27.62 -26.33
C HIS A 251 7.85 -27.12 -27.61
N LYS A 252 9.19 -27.14 -27.68
CA LYS A 252 9.87 -26.70 -28.89
C LYS A 252 9.56 -27.61 -30.07
N LEU A 253 9.49 -28.92 -29.83
CA LEU A 253 9.17 -29.85 -30.91
C LEU A 253 7.76 -29.64 -31.44
N LYS A 254 6.80 -29.40 -30.53
CA LYS A 254 5.43 -29.14 -30.98
C LYS A 254 5.34 -27.84 -31.76
N THR A 255 6.02 -26.79 -31.29
CA THR A 255 6.01 -25.52 -32.02
C THR A 255 6.64 -25.66 -33.39
N LEU A 256 7.74 -26.43 -33.47
CA LEU A 256 8.37 -26.70 -34.76
C LEU A 256 7.46 -27.49 -35.68
N ALA A 257 6.78 -28.51 -35.15
CA ALA A 257 5.88 -29.33 -35.95
C ALA A 257 4.67 -28.55 -36.44
N LYS A 258 4.25 -27.51 -35.71
CA LYS A 258 3.15 -26.67 -36.18
C LYS A 258 3.50 -25.91 -37.45
N VAL A 259 4.79 -25.73 -37.76
CA VAL A 259 5.18 -24.88 -38.87
C VAL A 259 4.91 -25.56 -40.21
N LEU A 260 5.17 -26.88 -40.29
CA LEU A 260 5.12 -27.57 -41.58
C LEU A 260 3.71 -27.58 -42.16
N GLU A 261 2.69 -27.74 -41.32
CA GLU A 261 1.31 -27.71 -41.80
C GLU A 261 0.95 -26.34 -42.36
N ARG A 262 1.42 -25.27 -41.72
CA ARG A 262 1.07 -23.91 -42.10
C ARG A 262 1.80 -23.53 -43.38
N GLU A 263 1.22 -23.96 -44.51
CA GLU A 263 1.70 -23.65 -45.86
C GLU A 263 3.15 -24.08 -46.06
N GLY A 264 4.04 -23.11 -46.28
CA GLY A 264 5.43 -23.39 -46.54
C GLY A 264 5.72 -23.58 -48.03
N THR A 265 7.00 -23.70 -48.34
CA THR A 265 7.45 -23.85 -49.71
C THR A 265 8.68 -24.76 -49.71
N THR A 266 9.39 -24.80 -50.84
CA THR A 266 10.55 -25.67 -50.97
C THR A 266 11.66 -25.28 -50.00
N GLU A 267 11.89 -23.99 -49.83
CA GLU A 267 12.92 -23.54 -48.90
C GLU A 267 12.55 -23.86 -47.46
N GLU A 268 11.27 -23.73 -47.12
CA GLU A 268 10.83 -23.99 -45.74
C GLU A 268 10.97 -25.47 -45.38
N LYS A 269 10.77 -26.37 -46.33
CA LYS A 269 10.78 -27.80 -46.04
C LYS A 269 12.15 -28.27 -45.58
N GLU A 270 13.21 -27.82 -46.26
CA GLU A 270 14.55 -28.28 -45.90
C GLU A 270 15.03 -27.67 -44.59
N ASP A 271 14.57 -26.46 -44.26
CA ASP A 271 14.99 -25.83 -43.01
C ASP A 271 14.34 -26.50 -41.81
N ALA A 272 13.07 -26.86 -41.93
CA ALA A 272 12.38 -27.54 -40.83
C ALA A 272 12.78 -29.00 -40.69
N GLU A 273 13.32 -29.61 -41.75
CA GLU A 273 13.69 -31.01 -41.70
C GLU A 273 14.96 -31.23 -40.89
N LYS A 274 15.97 -30.35 -41.07
CA LYS A 274 17.25 -30.57 -40.41
C LYS A 274 17.18 -30.28 -38.91
N VAL A 275 16.25 -29.43 -38.48
CA VAL A 275 16.26 -28.99 -37.09
C VAL A 275 15.53 -29.97 -36.18
N ILE A 276 14.47 -30.63 -36.67
CA ILE A 276 13.72 -31.55 -35.82
C ILE A 276 14.56 -32.76 -35.45
N LYS A 277 15.40 -33.23 -36.37
CA LYS A 277 16.19 -34.43 -36.12
C LYS A 277 17.26 -34.20 -35.05
N THR A 278 17.76 -32.97 -34.92
CA THR A 278 18.75 -32.68 -33.89
C THR A 278 18.14 -32.18 -32.60
N ILE A 279 17.00 -31.47 -32.67
CA ILE A 279 16.29 -31.09 -31.45
C ILE A 279 15.78 -32.35 -30.74
N SER A 280 15.22 -33.28 -31.50
CA SER A 280 14.82 -34.56 -30.94
C SER A 280 15.99 -35.51 -30.75
N GLY A 281 17.18 -35.14 -31.23
CA GLY A 281 18.33 -36.01 -31.17
C GLY A 281 18.98 -36.13 -29.80
N TYR A 282 19.49 -35.01 -29.28
CA TYR A 282 20.22 -35.06 -28.02
C TYR A 282 19.28 -35.30 -26.85
N SER A 283 19.82 -35.86 -25.77
CA SER A 283 19.05 -36.24 -24.61
C SER A 283 19.83 -35.94 -23.34
N PHE A 284 19.12 -35.86 -22.22
CA PHE A 284 19.74 -35.64 -20.93
C PHE A 284 20.60 -36.82 -20.50
N GLU A 285 20.26 -38.03 -20.94
CA GLU A 285 20.81 -39.26 -20.40
C GLU A 285 21.80 -39.90 -21.36
N TYR A 286 22.91 -40.37 -20.81
CA TYR A 286 23.84 -41.25 -21.52
C TYR A 286 24.31 -42.30 -20.52
N ASN A 287 25.36 -43.03 -20.88
CA ASN A 287 25.92 -44.06 -20.00
C ASN A 287 26.71 -43.37 -18.89
N ASN A 288 25.99 -42.93 -17.86
CA ASN A 288 26.55 -42.21 -16.72
C ASN A 288 27.35 -40.99 -17.17
N CYS A 289 26.72 -40.18 -18.02
CA CYS A 289 27.37 -38.98 -18.56
C CYS A 289 26.29 -37.99 -18.97
N ILE A 290 26.32 -36.81 -18.37
CA ILE A 290 25.38 -35.75 -18.74
C ILE A 290 25.88 -35.08 -20.01
N SER A 291 25.00 -34.95 -20.99
CA SER A 291 25.38 -34.37 -22.27
C SER A 291 25.67 -32.88 -22.13
N ARG A 292 26.46 -32.35 -23.06
CA ARG A 292 26.83 -30.94 -23.01
C ARG A 292 25.63 -30.04 -23.26
N GLU A 293 24.68 -30.48 -24.09
CA GLU A 293 23.49 -29.67 -24.35
C GLU A 293 22.65 -29.51 -23.09
N ALA A 294 22.54 -30.57 -22.29
CA ALA A 294 21.81 -30.47 -21.04
C ALA A 294 22.47 -29.50 -20.08
N LEU A 295 23.80 -29.52 -20.01
CA LEU A 295 24.52 -28.60 -19.13
C LEU A 295 24.36 -27.16 -19.61
N LEU A 296 24.41 -26.93 -20.92
CA LEU A 296 24.19 -25.59 -21.44
C LEU A 296 22.78 -25.11 -21.16
N PHE A 297 21.79 -26.01 -21.28
CA PHE A 297 20.41 -25.64 -20.96
C PHE A 297 20.26 -25.27 -19.49
N ILE A 298 20.88 -26.05 -18.60
CA ILE A 298 20.82 -25.76 -17.17
C ILE A 298 21.49 -24.42 -16.87
N ALA A 299 22.64 -24.16 -17.48
CA ALA A 299 23.33 -22.90 -17.26
C ALA A 299 22.53 -21.71 -17.77
N CYS A 300 21.94 -21.84 -18.96
CA CYS A 300 21.19 -20.73 -19.54
C CYS A 300 19.84 -20.52 -18.87
N MET A 301 19.33 -21.53 -18.16
CA MET A 301 18.03 -21.37 -17.49
C MET A 301 18.10 -20.33 -16.38
N PHE A 302 19.26 -20.11 -15.78
CA PHE A 302 19.43 -19.18 -14.68
C PHE A 302 20.25 -17.96 -15.07
N LEU A 303 20.17 -17.56 -16.33
CA LEU A 303 20.86 -16.39 -16.85
C LEU A 303 19.84 -15.37 -17.36
N ARG A 304 20.33 -14.32 -18.00
CA ARG A 304 19.50 -13.37 -18.69
C ARG A 304 19.65 -13.57 -20.19
N LYS A 305 18.72 -12.97 -20.95
CA LYS A 305 18.63 -13.30 -22.37
C LYS A 305 19.85 -12.84 -23.16
N SER A 306 20.49 -11.75 -22.74
CA SER A 306 21.67 -11.27 -23.47
C SER A 306 22.85 -12.22 -23.28
N ASP A 307 23.13 -12.60 -22.03
CA ASP A 307 24.24 -13.52 -21.77
C ASP A 307 23.96 -14.89 -22.38
N ALA A 308 22.72 -15.36 -22.31
CA ALA A 308 22.36 -16.63 -22.92
C ALA A 308 22.55 -16.58 -24.42
N ALA A 309 22.17 -15.47 -25.06
CA ALA A 309 22.37 -15.32 -26.49
C ALA A 309 23.85 -15.32 -26.84
N TYR A 310 24.67 -14.62 -26.06
CA TYR A 310 26.11 -14.60 -26.33
C TYR A 310 26.73 -15.99 -26.18
N PHE A 311 26.34 -16.73 -25.13
CA PHE A 311 26.90 -18.05 -24.92
C PHE A 311 26.44 -19.04 -25.98
N THR A 312 25.19 -18.89 -26.45
CA THR A 312 24.71 -19.76 -27.52
C THR A 312 25.40 -19.44 -28.83
N LYS A 313 25.68 -18.17 -29.10
CA LYS A 313 26.41 -17.80 -30.31
C LYS A 313 27.85 -18.29 -30.26
N LYS A 314 28.48 -18.24 -29.09
CA LYS A 314 29.85 -18.73 -28.95
C LYS A 314 29.91 -20.25 -28.77
N TRP A 315 28.78 -20.93 -28.60
CA TRP A 315 28.79 -22.37 -28.41
C TRP A 315 29.34 -23.09 -29.64
N THR A 316 28.92 -22.66 -30.83
CA THR A 316 29.38 -23.25 -32.08
C THR A 316 29.82 -22.14 -33.02
N GLY A 317 30.98 -22.31 -33.64
CA GLY A 317 31.44 -21.37 -34.64
C GLY A 317 30.54 -21.39 -35.87
N MET A 318 30.50 -22.54 -36.54
CA MET A 318 29.63 -22.80 -37.70
C MET A 318 29.99 -21.76 -38.76
N LYS A 319 29.07 -20.88 -39.19
CA LYS A 319 29.36 -19.86 -40.19
C LYS A 319 28.84 -18.49 -39.77
N LYS A 320 28.47 -18.35 -38.49
CA LYS A 320 27.91 -17.12 -37.92
C LYS A 320 26.61 -16.68 -38.58
N ALA A 321 26.00 -17.53 -39.39
CA ALA A 321 24.76 -17.23 -40.07
C ALA A 321 23.59 -17.69 -39.20
N GLU A 322 22.39 -17.78 -39.79
CA GLU A 322 21.23 -18.32 -39.09
C GLU A 322 21.53 -19.71 -38.56
N GLY A 323 21.55 -19.84 -37.23
CA GLY A 323 21.89 -21.12 -36.63
C GLY A 323 20.74 -22.09 -36.68
N VAL A 324 20.82 -23.05 -37.61
CA VAL A 324 19.79 -24.05 -37.87
C VAL A 324 18.43 -23.40 -37.95
N PHE A 325 18.26 -22.50 -38.92
CA PHE A 325 17.01 -21.76 -39.15
C PHE A 325 16.61 -20.92 -37.93
N LYS A 326 17.61 -20.47 -37.17
CA LYS A 326 17.40 -19.67 -35.95
C LYS A 326 16.45 -20.36 -34.97
N SER A 327 16.59 -21.67 -34.87
CA SER A 327 15.71 -22.47 -34.02
C SER A 327 16.45 -23.33 -33.01
N THR A 328 17.58 -23.91 -33.39
CA THR A 328 18.40 -24.61 -32.40
C THR A 328 19.08 -23.61 -31.46
N GLN A 329 19.54 -22.48 -31.99
CA GLN A 329 20.11 -21.44 -31.14
C GLN A 329 19.05 -20.82 -30.24
N SER A 330 17.80 -20.78 -30.68
CA SER A 330 16.72 -20.24 -29.87
C SER A 330 16.11 -21.29 -28.94
N PHE A 331 16.59 -22.53 -28.98
CA PHE A 331 16.08 -23.56 -28.09
C PHE A 331 16.40 -23.25 -26.64
N PHE A 332 17.58 -22.69 -26.38
CA PHE A 332 18.04 -22.43 -25.02
C PHE A 332 17.63 -21.07 -24.49
N THR A 333 16.93 -20.25 -25.28
CA THR A 333 16.61 -18.88 -24.88
C THR A 333 15.13 -18.66 -24.60
N ASP A 334 14.30 -19.70 -24.59
CA ASP A 334 12.95 -19.55 -24.08
C ASP A 334 12.95 -19.36 -22.58
N ASN A 335 13.94 -19.96 -21.90
CA ASN A 335 14.29 -19.62 -20.54
C ASN A 335 15.16 -18.36 -20.57
N ALA A 336 15.91 -18.08 -19.51
CA ALA A 336 16.81 -16.93 -19.50
C ALA A 336 16.06 -15.62 -19.63
N LEU A 337 15.41 -15.21 -18.53
CA LEU A 337 14.49 -14.07 -18.43
C LEU A 337 14.87 -12.88 -19.32
N LYS A 338 13.85 -12.32 -19.98
CA LYS A 338 14.02 -11.50 -21.17
C LYS A 338 14.73 -10.18 -20.92
N GLU A 339 14.72 -9.67 -19.69
CA GLU A 339 15.05 -8.28 -19.34
C GLU A 339 14.05 -7.33 -19.98
N SER A 340 14.03 -6.07 -19.52
CA SER A 340 13.02 -5.09 -19.90
C SER A 340 11.60 -5.58 -19.61
N LYS A 341 11.47 -6.54 -18.71
CA LYS A 341 10.19 -7.08 -18.27
C LYS A 341 10.12 -6.96 -16.76
N SER A 342 9.02 -6.41 -16.27
CA SER A 342 8.91 -6.08 -14.86
C SER A 342 8.90 -7.34 -14.00
N ILE A 343 9.60 -7.29 -12.86
CA ILE A 343 9.60 -8.35 -11.87
C ILE A 343 8.86 -7.96 -10.61
N LEU A 344 8.32 -6.74 -10.55
CA LEU A 344 7.57 -6.26 -9.39
C LEU A 344 6.07 -6.29 -9.62
N THR A 345 5.57 -7.29 -10.34
CA THR A 345 4.13 -7.40 -10.55
C THR A 345 3.41 -7.81 -9.27
N LEU A 346 4.05 -8.62 -8.43
CA LEU A 346 3.45 -9.12 -7.19
C LEU A 346 4.15 -8.54 -5.98
N ASN A 347 4.55 -7.26 -6.05
CA ASN A 347 5.37 -6.67 -5.00
C ASN A 347 4.60 -6.37 -3.74
N ALA A 348 3.33 -5.97 -3.88
CA ALA A 348 2.43 -5.56 -2.80
C ALA A 348 2.87 -4.29 -2.08
N ASP A 349 3.97 -3.65 -2.52
CA ASP A 349 4.34 -2.33 -2.04
C ASP A 349 4.18 -1.26 -3.11
N LEU A 350 4.32 -1.62 -4.39
CA LEU A 350 3.92 -0.75 -5.48
C LEU A 350 2.40 -0.69 -5.59
N TYR A 351 1.70 -1.70 -5.06
CA TYR A 351 0.24 -1.68 -5.04
C TYR A 351 -0.29 -0.49 -4.25
N LYS A 352 0.25 -0.28 -3.04
CA LYS A 352 -0.16 0.86 -2.23
C LYS A 352 0.27 2.18 -2.83
N TYR A 353 1.43 2.20 -3.51
CA TYR A 353 1.86 3.41 -4.20
C TYR A 353 0.88 3.78 -5.32
N ARG A 354 0.43 2.77 -6.08
CA ARG A 354 -0.55 3.04 -7.13
C ARG A 354 -1.89 3.48 -6.54
N GLN A 355 -2.29 2.89 -5.41
CA GLN A 355 -3.52 3.33 -4.75
C GLN A 355 -3.43 4.79 -4.31
N ILE A 356 -2.30 5.17 -3.73
CA ILE A 356 -2.12 6.54 -3.27
C ILE A 356 -2.11 7.51 -4.46
N LEU A 357 -1.45 7.12 -5.55
CA LEU A 357 -1.46 7.95 -6.76
C LEU A 357 -2.87 8.13 -7.29
N GLY A 358 -3.65 7.06 -7.34
CA GLY A 358 -5.02 7.16 -7.82
C GLY A 358 -5.89 8.03 -6.94
N VAL A 359 -5.69 7.96 -5.63
CA VAL A 359 -6.42 8.83 -4.71
C VAL A 359 -6.03 10.29 -4.93
N LEU A 360 -4.72 10.56 -5.06
CA LEU A 360 -4.25 11.93 -5.20
C LEU A 360 -4.54 12.52 -6.57
N SER A 361 -4.90 11.71 -7.56
CA SER A 361 -5.17 12.21 -8.90
C SER A 361 -6.56 12.83 -9.05
N THR A 362 -7.26 13.15 -7.96
CA THR A 362 -8.59 13.72 -8.02
C THR A 362 -8.69 14.92 -7.10
N MET A 363 -9.67 15.79 -7.38
CA MET A 363 -9.91 17.01 -6.63
C MET A 363 -10.93 16.75 -5.51
N PRO A 364 -10.64 17.17 -4.28
CA PRO A 364 -11.60 16.94 -3.20
C PRO A 364 -12.85 17.79 -3.36
N ALA A 365 -13.95 17.28 -2.81
CA ALA A 365 -15.23 17.98 -2.80
C ALA A 365 -15.56 18.29 -1.34
N MET A 366 -15.06 19.41 -0.86
CA MET A 366 -15.28 19.83 0.52
C MET A 366 -16.68 20.40 0.70
N LYS A 367 -17.18 20.31 1.93
CA LYS A 367 -18.56 20.66 2.25
C LYS A 367 -18.63 21.96 3.06
N THR A 368 -17.80 22.93 2.72
CA THR A 368 -17.82 24.23 3.37
C THR A 368 -18.75 25.16 2.61
N ASP A 369 -19.58 25.90 3.34
CA ASP A 369 -20.57 26.77 2.72
C ASP A 369 -19.92 27.87 1.89
N SER A 370 -18.81 28.44 2.38
CA SER A 370 -18.15 29.53 1.70
C SER A 370 -17.30 29.08 0.51
N LEU A 371 -17.17 27.78 0.29
CA LEU A 371 -16.46 27.25 -0.87
C LEU A 371 -17.39 26.90 -2.03
N LYS A 372 -18.67 27.26 -1.93
CA LYS A 372 -19.63 26.97 -2.99
C LYS A 372 -19.29 27.59 -4.34
N PRO A 373 -18.83 28.85 -4.45
CA PRO A 373 -18.49 29.37 -5.79
C PRO A 373 -17.43 28.56 -6.51
N PHE A 374 -16.43 28.02 -5.79
CA PHE A 374 -15.43 27.18 -6.41
C PHE A 374 -16.07 26.01 -7.14
N TYR A 375 -16.95 25.28 -6.47
CA TYR A 375 -17.55 24.09 -7.05
C TYR A 375 -18.60 24.44 -8.08
N ASP A 376 -19.27 25.60 -7.95
CA ASP A 376 -20.17 26.04 -9.01
C ASP A 376 -19.42 26.32 -10.30
N PHE A 377 -18.28 27.03 -10.21
CA PHE A 377 -17.46 27.27 -11.38
C PHE A 377 -16.92 25.96 -11.95
N ILE A 378 -16.52 25.04 -11.08
CA ILE A 378 -16.00 23.76 -11.54
C ILE A 378 -17.08 22.98 -12.29
N LYS A 379 -18.31 22.98 -11.77
CA LYS A 379 -19.41 22.28 -12.43
C LYS A 379 -19.73 22.91 -13.79
N ILE A 380 -19.75 24.23 -13.86
CA ILE A 380 -20.04 24.90 -15.12
C ILE A 380 -18.96 24.57 -16.16
N ASN A 381 -17.69 24.63 -15.74
CA ASN A 381 -16.59 24.31 -16.64
C ASN A 381 -16.65 22.86 -17.11
N ASN A 382 -16.95 21.94 -16.19
CA ASN A 382 -17.03 20.52 -16.53
C ASN A 382 -18.14 20.27 -17.54
N ASP A 383 -19.32 20.87 -17.31
CA ASP A 383 -20.43 20.67 -18.23
C ASP A 383 -20.13 21.26 -19.61
N SER A 384 -19.55 22.46 -19.64
CA SER A 384 -19.24 23.09 -20.92
C SER A 384 -18.22 22.27 -21.70
N TYR A 385 -17.17 21.79 -21.04
CA TYR A 385 -16.16 21.04 -21.77
C TYR A 385 -16.62 19.63 -22.11
N SER A 386 -17.53 19.03 -21.32
CA SER A 386 -18.11 17.75 -21.72
C SER A 386 -18.97 17.92 -22.97
N GLU A 387 -19.79 18.98 -23.01
CA GLU A 387 -20.59 19.23 -24.20
C GLU A 387 -19.72 19.51 -25.41
N LYS A 388 -18.62 20.24 -25.22
CA LYS A 388 -17.70 20.49 -26.33
C LYS A 388 -17.00 19.20 -26.78
N ALA A 389 -16.67 18.32 -25.83
CA ALA A 389 -16.01 17.06 -26.15
C ALA A 389 -16.93 16.10 -26.87
N GLU A 390 -18.24 16.14 -26.61
CA GLU A 390 -19.17 15.31 -27.38
C GLU A 390 -19.56 16.02 -28.68
N LYS A 391 -18.55 16.46 -29.42
CA LYS A 391 -18.72 17.01 -30.76
C LYS A 391 -17.51 16.75 -31.64
N ALA A 392 -16.51 16.04 -31.13
CA ALA A 392 -15.22 15.92 -31.80
C ALA A 392 -15.29 14.94 -32.97
N ARG A 393 -14.21 14.92 -33.75
CA ARG A 393 -14.11 14.05 -34.90
C ARG A 393 -12.84 13.20 -34.90
N SER A 394 -11.91 13.44 -33.99
CA SER A 394 -10.65 12.71 -33.94
C SER A 394 -10.33 12.35 -32.48
N LYS A 395 -9.55 11.29 -32.33
CA LYS A 395 -9.13 10.87 -30.99
C LYS A 395 -8.21 11.91 -30.36
N GLU A 396 -7.29 12.47 -31.12
CA GLU A 396 -6.33 13.43 -30.57
C GLU A 396 -7.03 14.72 -30.14
N GLU A 397 -7.94 15.23 -30.96
CA GLU A 397 -8.66 16.45 -30.61
C GLU A 397 -9.55 16.23 -29.40
N LYS A 398 -10.20 15.06 -29.31
CA LYS A 398 -11.00 14.74 -28.13
C LYS A 398 -10.14 14.65 -26.89
N GLU A 399 -8.95 14.05 -27.00
CA GLU A 399 -8.05 13.97 -25.85
C GLU A 399 -7.58 15.35 -25.42
N LYS A 400 -7.31 16.24 -26.38
CA LYS A 400 -6.90 17.60 -26.03
C LYS A 400 -8.04 18.36 -25.36
N ILE A 401 -9.28 18.17 -25.83
CA ILE A 401 -10.42 18.88 -25.26
C ILE A 401 -10.73 18.36 -23.86
N GLN A 402 -10.70 17.05 -23.67
CA GLN A 402 -11.12 16.43 -22.42
C GLN A 402 -10.09 16.56 -21.30
N ALA A 403 -8.98 17.25 -21.54
CA ALA A 403 -7.98 17.44 -20.49
C ALA A 403 -8.36 18.54 -19.51
N PHE A 404 -9.43 19.28 -19.77
CA PHE A 404 -9.88 20.36 -18.89
C PHE A 404 -10.90 19.91 -17.87
N ILE A 405 -11.33 18.65 -17.90
CA ILE A 405 -12.35 18.15 -17.00
C ILE A 405 -11.71 17.74 -15.68
N ILE A 406 -12.29 18.19 -14.58
CA ILE A 406 -11.73 17.99 -13.24
C ILE A 406 -12.54 16.88 -12.56
N PRO A 407 -11.96 15.71 -12.32
CA PRO A 407 -12.65 14.69 -11.54
C PRO A 407 -12.70 15.07 -10.06
N GLN A 408 -13.70 14.53 -9.36
CA GLN A 408 -13.91 14.87 -7.97
C GLN A 408 -14.17 13.61 -7.15
N ARG A 409 -13.84 13.70 -5.86
CA ARG A 409 -14.10 12.63 -4.90
C ARG A 409 -14.90 13.20 -3.74
N LYS A 410 -15.90 12.45 -3.28
CA LYS A 410 -16.78 12.95 -2.23
C LYS A 410 -16.21 12.79 -0.83
N SER A 411 -15.20 11.95 -0.65
CA SER A 411 -14.63 11.74 0.68
C SER A 411 -13.21 11.21 0.54
N SER A 412 -12.43 11.42 1.59
CA SER A 412 -11.06 10.95 1.64
C SER A 412 -10.82 10.23 2.97
N ASN A 413 -9.97 9.21 2.93
CA ASN A 413 -9.64 8.42 4.11
C ASN A 413 -8.16 8.62 4.41
N TYR A 414 -7.86 9.66 5.19
CA TYR A 414 -6.49 9.91 5.63
C TYR A 414 -6.14 9.16 6.91
N THR A 415 -7.12 8.89 7.76
CA THR A 415 -6.85 8.17 9.01
C THR A 415 -6.47 6.72 8.73
N TYR A 416 -7.01 6.13 7.66
CA TYR A 416 -6.65 4.76 7.32
C TYR A 416 -5.20 4.66 6.87
N TRP A 417 -4.72 5.65 6.11
CA TRP A 417 -3.38 5.56 5.55
C TRP A 417 -2.31 5.79 6.62
N PHE A 418 -2.57 6.69 7.56
CA PHE A 418 -1.64 6.85 8.69
C PHE A 418 -1.58 5.58 9.52
N MET A 419 -2.73 4.97 9.79
CA MET A 419 -2.76 3.72 10.54
C MET A 419 -2.09 2.60 9.78
N LYS A 420 -2.28 2.53 8.46
CA LYS A 420 -1.62 1.51 7.65
C LYS A 420 -0.11 1.70 7.67
N TYR A 421 0.36 2.94 7.59
CA TYR A 421 1.79 3.21 7.67
C TYR A 421 2.35 2.79 9.03
N LEU A 422 1.62 3.09 10.10
CA LEU A 422 2.08 2.69 11.43
C LEU A 422 2.09 1.17 11.59
N ASN A 423 1.11 0.49 11.01
CA ASN A 423 1.05 -0.97 11.12
C ASN A 423 2.12 -1.65 10.29
N ASP A 424 2.47 -1.08 9.14
CA ASP A 424 3.46 -1.70 8.26
C ASP A 424 4.83 -1.75 8.92
N ASN A 425 5.21 -0.70 9.64
CA ASN A 425 6.53 -0.60 10.25
C ASN A 425 6.63 -1.30 11.59
N LYS A 426 5.70 -2.22 11.89
CA LYS A 426 5.70 -2.99 13.14
C LYS A 426 5.65 -2.10 14.37
N LEU A 427 5.02 -0.94 14.25
CA LEU A 427 4.79 -0.06 15.38
C LEU A 427 3.59 -0.54 16.18
N LEU A 428 3.04 0.33 17.04
CA LEU A 428 2.02 -0.03 18.02
C LEU A 428 2.62 -1.07 18.95
N ASP A 429 2.23 -2.34 18.79
CA ASP A 429 2.91 -3.48 19.43
C ASP A 429 2.96 -3.31 20.95
N GLY A 430 1.77 -3.38 21.55
CA GLY A 430 1.63 -3.18 22.98
C GLY A 430 0.31 -2.49 23.28
N PHE A 431 -0.33 -2.00 22.24
CA PHE A 431 -1.68 -1.46 22.31
C PHE A 431 -2.68 -2.53 21.91
N ARG A 432 -3.95 -2.15 21.85
CA ARG A 432 -5.01 -3.04 21.37
C ARG A 432 -5.95 -2.18 20.53
N ILE A 433 -5.87 -2.33 19.22
CA ILE A 433 -6.62 -1.49 18.30
C ILE A 433 -8.02 -2.03 18.12
N ALA A 434 -8.96 -1.14 17.81
CA ALA A 434 -10.34 -1.51 17.58
C ALA A 434 -10.55 -1.85 16.10
N TYR A 435 -11.10 -3.03 15.85
CA TYR A 435 -11.31 -3.52 14.48
C TYR A 435 -12.79 -3.75 14.25
N TYR A 436 -13.21 -3.63 12.99
CA TYR A 436 -14.60 -3.86 12.63
C TYR A 436 -14.99 -5.31 12.88
N LYS A 437 -16.23 -5.52 13.31
CA LYS A 437 -16.71 -6.84 13.64
C LYS A 437 -17.14 -7.59 12.39
N THR A 438 -16.71 -8.83 12.27
CA THR A 438 -17.06 -9.73 11.19
C THR A 438 -18.06 -10.78 11.68
N PRO A 439 -18.85 -11.38 10.78
CA PRO A 439 -19.77 -12.43 11.21
C PRO A 439 -19.07 -13.62 11.86
N GLU A 440 -17.84 -13.92 11.44
CA GLU A 440 -17.04 -14.94 12.11
C GLU A 440 -16.81 -14.57 13.56
N ASP A 441 -16.53 -13.29 13.83
CA ASP A 441 -16.33 -12.85 15.21
C ASP A 441 -17.60 -13.01 16.04
N ARG A 442 -18.77 -12.70 15.47
CA ARG A 442 -20.01 -12.89 16.20
C ARG A 442 -20.26 -14.36 16.49
N PHE A 443 -20.02 -15.23 15.51
CA PHE A 443 -20.22 -16.66 15.72
C PHE A 443 -19.27 -17.20 16.80
N MET A 444 -18.00 -16.77 16.75
CA MET A 444 -17.05 -17.26 17.74
C MET A 444 -17.36 -16.70 19.14
N TYR A 445 -17.84 -15.47 19.21
CA TYR A 445 -18.25 -14.92 20.51
C TYR A 445 -19.42 -15.68 21.08
N LEU A 446 -20.40 -16.05 20.24
CA LEU A 446 -21.50 -16.86 20.71
C LEU A 446 -21.04 -18.24 21.14
N ILE A 447 -20.04 -18.80 20.45
CA ILE A 447 -19.53 -20.12 20.81
C ILE A 447 -18.83 -20.08 22.17
N HIS A 448 -17.93 -19.10 22.37
CA HIS A 448 -17.18 -19.04 23.61
C HIS A 448 -18.04 -18.58 24.79
N ASN A 449 -19.06 -17.76 24.54
CA ASN A 449 -19.90 -17.26 25.60
C ASN A 449 -20.81 -18.32 26.22
N GLY A 450 -20.91 -19.49 25.59
CA GLY A 450 -21.80 -20.53 26.09
C GLY A 450 -23.27 -20.17 26.02
N LEU A 451 -23.68 -19.48 24.94
CA LEU A 451 -25.06 -19.08 24.76
C LEU A 451 -25.81 -19.95 23.75
N ILE A 452 -25.13 -20.48 22.75
CA ILE A 452 -25.76 -21.36 21.78
C ILE A 452 -25.51 -22.80 22.19
N SER A 453 -25.14 -23.01 23.45
CA SER A 453 -25.01 -24.36 23.97
C SER A 453 -26.36 -25.06 24.10
N GLN A 454 -27.45 -24.30 24.07
CA GLN A 454 -28.80 -24.84 24.08
C GLN A 454 -29.31 -25.17 22.67
N ASP A 455 -28.42 -25.30 21.70
CA ASP A 455 -28.76 -25.70 20.35
C ASP A 455 -28.80 -27.22 20.19
N ASP A 456 -28.82 -27.96 21.30
CA ASP A 456 -28.78 -29.43 21.36
C ASP A 456 -27.69 -30.01 20.44
N LEU A 457 -26.57 -29.30 20.33
CA LEU A 457 -25.40 -29.73 19.55
C LEU A 457 -25.81 -30.05 18.11
N GLU A 458 -26.23 -29.00 17.41
CA GLU A 458 -26.84 -29.17 16.09
C GLU A 458 -25.85 -29.54 14.99
N ASN A 459 -24.54 -29.45 15.27
CA ASN A 459 -23.45 -29.87 14.37
C ASN A 459 -23.66 -29.40 12.92
N ILE A 460 -23.58 -28.08 12.77
CA ILE A 460 -23.75 -27.43 11.47
C ILE A 460 -22.39 -27.12 10.88
N GLU A 461 -21.37 -27.89 11.26
CA GLU A 461 -20.01 -27.67 10.77
C GLU A 461 -19.88 -27.91 9.26
N ASP A 462 -20.87 -28.54 8.63
CA ASP A 462 -20.79 -28.77 7.19
C ASP A 462 -20.85 -27.46 6.40
N PHE A 463 -21.51 -26.44 6.94
CA PHE A 463 -21.57 -25.15 6.26
C PHE A 463 -20.22 -24.45 6.23
N LYS A 464 -19.40 -24.69 7.27
CA LYS A 464 -18.04 -24.16 7.39
C LYS A 464 -18.01 -22.63 7.44
N THR A 465 -18.41 -21.96 6.36
CA THR A 465 -18.34 -20.51 6.30
C THR A 465 -19.32 -19.89 7.29
N PRO A 466 -18.92 -18.81 7.98
CA PRO A 466 -19.87 -18.13 8.89
C PRO A 466 -20.94 -17.36 8.14
N ASP A 467 -21.80 -16.67 8.88
CA ASP A 467 -22.96 -15.91 8.41
C ASP A 467 -24.07 -16.81 7.87
N GLU A 468 -23.86 -18.12 7.81
CA GLU A 468 -24.91 -19.08 7.48
C GLU A 468 -25.39 -19.85 8.70
N LYS A 469 -24.48 -20.20 9.61
CA LYS A 469 -24.91 -20.75 10.90
C LYS A 469 -25.75 -19.74 11.66
N LEU A 470 -25.34 -18.47 11.63
CA LEU A 470 -26.13 -17.42 12.24
C LEU A 470 -27.51 -17.33 11.60
N LYS A 471 -27.57 -17.55 10.28
CA LYS A 471 -28.86 -17.62 9.60
C LYS A 471 -29.68 -18.79 10.12
N TYR A 472 -29.02 -19.91 10.42
CA TYR A 472 -29.77 -21.06 10.94
C TYR A 472 -30.33 -20.78 12.32
N LEU A 473 -29.55 -20.12 13.19
CA LEU A 473 -30.10 -19.73 14.50
C LEU A 473 -31.22 -18.71 14.34
N ARG A 474 -31.10 -17.78 13.39
CA ARG A 474 -32.17 -16.82 13.16
C ARG A 474 -33.45 -17.52 12.72
N GLU A 475 -33.34 -18.52 11.84
CA GLU A 475 -34.52 -19.28 11.42
C GLU A 475 -35.04 -20.15 12.55
N LYS A 476 -34.16 -20.63 13.44
CA LYS A 476 -34.59 -21.49 14.53
C LYS A 476 -35.50 -20.76 15.51
N GLY A 477 -35.18 -19.50 15.80
CA GLY A 477 -35.94 -18.73 16.78
C GLY A 477 -35.05 -18.12 17.84
N PHE A 478 -33.75 -18.03 17.55
CA PHE A 478 -32.81 -17.38 18.45
C PHE A 478 -32.99 -15.87 18.36
N ASN A 479 -33.30 -15.23 19.48
CA ASN A 479 -33.55 -13.80 19.52
C ASN A 479 -32.57 -13.03 20.38
N LEU A 480 -32.35 -13.48 21.62
CA LEU A 480 -31.41 -12.93 22.59
C LEU A 480 -31.82 -11.55 23.09
N LYS A 481 -32.88 -10.97 22.56
CA LYS A 481 -33.33 -9.64 22.98
C LYS A 481 -34.49 -9.69 23.96
N LEU A 482 -34.92 -10.89 24.37
CA LEU A 482 -35.95 -11.05 25.39
C LEU A 482 -35.40 -11.68 26.66
N LYS A 483 -34.09 -11.94 26.75
CA LYS A 483 -33.51 -12.70 27.83
C LYS A 483 -32.93 -11.83 28.94
N MET A 484 -33.48 -10.63 29.14
CA MET A 484 -33.16 -9.81 30.31
C MET A 484 -34.32 -9.72 31.29
N LYS A 485 -35.37 -10.52 31.09
CA LYS A 485 -36.50 -10.54 32.01
C LYS A 485 -37.04 -11.95 32.25
N GLN A 486 -36.41 -12.99 31.71
CA GLN A 486 -36.94 -14.35 31.77
C GLN A 486 -36.09 -15.27 32.62
N ALA A 487 -35.45 -14.75 33.66
CA ALA A 487 -34.63 -15.58 34.54
C ALA A 487 -34.46 -14.85 35.88
N VAL A 488 -33.90 -15.58 36.85
CA VAL A 488 -33.69 -15.08 38.20
C VAL A 488 -32.58 -14.04 38.21
N GLY A 489 -32.42 -13.37 39.35
CA GLY A 489 -31.56 -12.21 39.52
C GLY A 489 -30.16 -12.24 38.92
N ASP A 490 -29.58 -13.43 38.74
CA ASP A 490 -28.27 -13.53 38.10
C ASP A 490 -28.35 -13.20 36.61
N GLU A 491 -29.55 -13.12 36.04
CA GLU A 491 -29.71 -12.80 34.63
C GLU A 491 -29.25 -11.38 34.33
N LYS A 492 -29.51 -10.44 35.26
CA LYS A 492 -29.12 -9.05 35.05
C LYS A 492 -27.60 -8.91 34.98
N LYS A 493 -26.88 -9.65 35.82
CA LYS A 493 -25.42 -9.54 35.82
C LYS A 493 -24.80 -10.10 34.55
N SER A 494 -25.39 -11.14 33.97
CA SER A 494 -24.81 -11.85 32.83
C SER A 494 -25.33 -11.33 31.50
N LEU A 495 -26.66 -11.39 31.30
CA LEU A 495 -27.20 -11.17 29.96
C LEU A 495 -27.12 -9.70 29.53
N THR A 496 -27.18 -8.77 30.49
CA THR A 496 -27.08 -7.36 30.12
C THR A 496 -25.71 -7.02 29.57
N GLU A 497 -24.65 -7.55 30.21
CA GLU A 497 -23.30 -7.33 29.70
C GLU A 497 -23.10 -7.99 28.35
N ILE A 498 -23.65 -9.18 28.16
CA ILE A 498 -23.55 -9.87 26.88
C ILE A 498 -24.25 -9.08 25.79
N TYR A 499 -25.45 -8.56 26.09
CA TYR A 499 -26.16 -7.73 25.12
C TYR A 499 -25.39 -6.46 24.80
N LYS A 500 -24.81 -5.82 25.81
CA LYS A 500 -24.04 -4.61 25.58
C LYS A 500 -22.82 -4.88 24.69
N GLU A 501 -22.17 -6.03 24.90
CA GLU A 501 -21.08 -6.42 24.02
C GLU A 501 -21.58 -6.70 22.61
N THR A 502 -22.77 -7.29 22.48
CA THR A 502 -23.32 -7.59 21.15
C THR A 502 -23.63 -6.32 20.37
N GLN A 503 -24.17 -5.30 21.04
CA GLN A 503 -24.56 -4.07 20.34
C GLN A 503 -23.35 -3.32 19.79
N ARG A 504 -22.19 -3.46 20.41
CA ARG A 504 -20.99 -2.80 19.91
C ARG A 504 -20.53 -3.46 18.61
N ASN A 505 -20.18 -2.65 17.62
CA ASN A 505 -19.81 -3.14 16.31
C ASN A 505 -18.31 -3.13 16.07
N PHE A 506 -17.50 -2.96 17.11
CA PHE A 506 -16.05 -3.02 16.98
C PHE A 506 -15.48 -3.93 18.06
N VAL A 507 -14.37 -4.59 17.73
CA VAL A 507 -13.72 -5.53 18.63
C VAL A 507 -12.26 -5.15 18.75
N PHE A 508 -11.65 -5.51 19.89
CA PHE A 508 -10.27 -5.14 20.20
C PHE A 508 -9.37 -6.35 20.06
N LYS A 509 -8.37 -6.24 19.19
CA LYS A 509 -7.42 -7.32 18.93
C LYS A 509 -6.01 -6.77 18.95
N VAL A 510 -5.06 -7.68 19.16
CA VAL A 510 -3.64 -7.32 19.06
C VAL A 510 -3.30 -7.03 17.61
N PRO A 511 -2.64 -5.91 17.31
CA PRO A 511 -2.39 -5.56 15.90
C PRO A 511 -1.50 -6.57 15.19
N THR A 512 -1.77 -6.76 13.91
CA THR A 512 -1.04 -7.70 13.07
C THR A 512 -0.86 -7.06 11.70
N ILE A 513 0.14 -7.55 10.96
CA ILE A 513 0.41 -7.02 9.62
C ILE A 513 -0.76 -7.29 8.69
N GLU A 514 -1.33 -8.49 8.75
CA GLU A 514 -2.41 -8.87 7.83
C GLU A 514 -3.75 -8.24 8.19
N ASN A 515 -3.86 -7.58 9.33
CA ASN A 515 -5.13 -6.97 9.75
C ASN A 515 -5.17 -5.52 9.31
N ASP A 516 -6.27 -5.13 8.66
CA ASP A 516 -6.40 -3.81 8.08
C ASP A 516 -7.71 -3.09 8.39
N ASN A 517 -8.69 -3.77 9.00
CA ASN A 517 -10.00 -3.18 9.21
C ASN A 517 -10.02 -2.32 10.47
N PHE A 518 -9.28 -1.22 10.42
CA PHE A 518 -9.26 -0.27 11.53
C PHE A 518 -10.62 0.40 11.66
N CYS A 519 -11.08 0.55 12.91
CA CYS A 519 -12.35 1.20 13.19
C CYS A 519 -12.15 2.71 13.21
N VAL A 520 -12.72 3.40 12.24
CA VAL A 520 -12.62 4.85 12.13
C VAL A 520 -14.03 5.41 12.30
N LYS A 521 -14.29 6.03 13.46
CA LYS A 521 -15.58 6.62 13.77
C LYS A 521 -15.38 8.11 14.00
N LYS A 522 -15.96 8.93 13.13
CA LYS A 522 -15.82 10.39 13.18
C LYS A 522 -14.35 10.80 13.15
N LEU A 523 -13.59 10.19 12.25
CA LEU A 523 -12.16 10.42 11.98
C LEU A 523 -11.25 9.96 13.12
N ASN A 524 -11.79 9.39 14.19
CA ASN A 524 -11.01 8.98 15.34
C ASN A 524 -10.65 7.50 15.28
N VAL A 525 -9.66 7.11 16.06
CA VAL A 525 -9.32 5.70 16.27
C VAL A 525 -9.37 5.43 17.77
N PHE A 526 -9.32 4.15 18.12
CA PHE A 526 -9.48 3.74 19.52
C PHE A 526 -8.33 2.82 19.92
N PHE A 527 -7.65 3.17 21.01
CA PHE A 527 -6.57 2.39 21.57
C PHE A 527 -6.96 1.91 22.96
N GLN A 528 -6.35 0.80 23.39
CA GLN A 528 -6.59 0.24 24.72
C GLN A 528 -5.25 -0.13 25.32
N THR A 529 -4.84 0.59 26.36
CA THR A 529 -3.57 0.35 27.04
C THR A 529 -3.82 -0.25 28.42
N ASP A 530 -2.74 -0.65 29.07
CA ASP A 530 -2.79 -1.20 30.42
C ASP A 530 -1.89 -0.37 31.32
N ILE A 531 -2.40 -0.01 32.49
CA ILE A 531 -1.64 0.76 33.46
C ILE A 531 -1.60 0.00 34.77
N GLU A 532 -0.64 0.37 35.62
CA GLU A 532 -0.45 -0.25 36.92
C GLU A 532 -0.71 0.79 38.00
N PHE A 533 -1.59 0.45 38.94
CA PHE A 533 -1.91 1.31 40.07
C PHE A 533 -2.11 0.45 41.30
N ASN A 534 -1.25 0.63 42.30
CA ASN A 534 -1.28 -0.15 43.54
C ASN A 534 -1.19 -1.65 43.25
N GLY A 535 -0.36 -2.01 42.27
CA GLY A 535 -0.18 -3.40 41.91
C GLY A 535 -1.39 -4.06 41.29
N GLN A 536 -2.17 -3.31 40.50
CA GLN A 536 -3.31 -3.85 39.77
C GLN A 536 -3.21 -3.43 38.32
N LYS A 537 -3.60 -4.32 37.42
CA LYS A 537 -3.59 -4.04 35.99
C LYS A 537 -4.96 -3.50 35.59
N ILE A 538 -5.01 -2.25 35.15
CA ILE A 538 -6.25 -1.59 34.79
C ILE A 538 -6.18 -1.22 33.31
N SER A 539 -7.22 -1.60 32.56
CA SER A 539 -7.31 -1.29 31.14
C SER A 539 -7.90 0.11 30.96
N VAL A 540 -7.24 0.92 30.14
CA VAL A 540 -7.64 2.30 29.89
C VAL A 540 -7.87 2.47 28.40
N GLN A 541 -9.00 3.06 28.04
CA GLN A 541 -9.38 3.26 26.64
C GLN A 541 -9.19 4.71 26.25
N LEU A 542 -8.57 4.92 25.10
CA LEU A 542 -8.24 6.25 24.60
C LEU A 542 -8.81 6.42 23.20
N SER A 543 -9.48 7.55 22.98
CA SER A 543 -9.90 7.95 21.64
C SER A 543 -8.82 8.87 21.07
N VAL A 544 -8.12 8.38 20.05
CA VAL A 544 -6.97 9.08 19.48
C VAL A 544 -7.43 9.84 18.25
N SER A 545 -7.12 11.15 18.23
CA SER A 545 -7.51 12.04 17.15
C SER A 545 -6.67 11.77 15.90
N PRO A 546 -7.20 12.10 14.71
CA PRO A 546 -6.43 11.88 13.48
C PRO A 546 -5.23 12.79 13.33
N ASP A 547 -5.12 13.86 14.12
CA ASP A 547 -3.97 14.75 14.05
C ASP A 547 -2.80 14.30 14.93
N PHE A 548 -3.08 13.47 15.94
CA PHE A 548 -1.99 12.84 16.69
C PHE A 548 -1.23 11.86 15.82
N LEU A 549 -1.96 11.04 15.05
CA LEU A 549 -1.32 10.07 14.17
C LEU A 549 -0.52 10.76 13.08
N MET A 550 -1.04 11.87 12.56
CA MET A 550 -0.35 12.57 11.48
C MET A 550 0.96 13.17 11.96
N LYS A 551 0.96 13.77 13.16
CA LYS A 551 2.22 14.28 13.73
C LYS A 551 3.19 13.14 14.03
N TRP A 552 2.66 12.00 14.50
CA TRP A 552 3.50 10.83 14.73
C TRP A 552 4.18 10.38 13.43
N VAL A 553 3.41 10.30 12.35
CA VAL A 553 3.96 9.86 11.07
C VAL A 553 4.95 10.90 10.54
N PHE A 554 4.66 12.19 10.74
CA PHE A 554 5.58 13.24 10.30
C PHE A 554 6.92 13.14 11.01
N VAL A 555 6.89 12.95 12.34
CA VAL A 555 8.12 12.81 13.11
C VAL A 555 8.88 11.57 12.67
N LEU A 556 8.17 10.48 12.43
CA LEU A 556 8.83 9.25 11.99
C LEU A 556 9.47 9.42 10.61
N LEU A 557 8.79 10.13 9.69
CA LEU A 557 9.29 10.26 8.34
C LEU A 557 10.47 11.22 8.25
N ILE A 558 10.44 12.32 8.99
CA ILE A 558 11.48 13.34 8.85
C ILE A 558 12.77 12.90 9.56
N THR A 559 12.69 12.68 10.87
CA THR A 559 13.89 12.35 11.63
C THR A 559 14.34 10.92 11.39
N GLY A 560 13.42 10.01 11.11
CA GLY A 560 13.73 8.60 10.98
C GLY A 560 13.53 7.79 12.24
N GLU A 561 13.38 8.45 13.39
CA GLU A 561 13.15 7.79 14.66
C GLU A 561 11.96 8.46 15.35
N ASP A 562 11.09 7.67 16.00
CA ASP A 562 9.88 8.21 16.67
C ASP A 562 10.15 8.65 18.09
N SER A 563 11.30 9.28 18.31
CA SER A 563 11.71 9.75 19.62
C SER A 563 11.62 11.27 19.70
N ILE A 564 11.09 11.77 20.81
CA ILE A 564 10.94 13.20 21.05
C ILE A 564 11.67 13.54 22.33
N LYS A 565 12.55 14.53 22.27
CA LYS A 565 13.31 14.95 23.45
C LYS A 565 12.41 15.70 24.42
N ASN A 566 12.47 15.31 25.69
CA ASN A 566 11.68 15.98 26.72
C ASN A 566 12.18 17.39 26.97
N ALA A 567 11.24 18.30 27.23
CA ALA A 567 11.61 19.69 27.52
C ALA A 567 12.42 19.79 28.80
N ILE A 568 12.02 19.07 29.84
CA ILE A 568 12.74 19.04 31.10
C ILE A 568 13.32 17.65 31.30
N THR A 569 14.36 17.58 32.13
CA THR A 569 15.12 16.37 32.44
C THR A 569 15.79 15.74 31.22
N GLU A 570 15.82 16.44 30.09
CA GLU A 570 16.42 16.01 28.82
C GLU A 570 15.92 14.60 28.49
N LYS A 571 16.78 13.79 27.86
CA LYS A 571 16.51 12.41 27.48
C LYS A 571 15.45 12.29 26.39
N LYS A 572 15.50 11.19 25.63
CA LYS A 572 14.59 10.97 24.52
C LYS A 572 13.57 9.89 24.88
N GLU A 573 12.31 10.16 24.56
CA GLU A 573 11.21 9.24 24.82
C GLU A 573 10.50 8.90 23.52
N LYS A 574 10.08 7.64 23.40
CA LYS A 574 9.39 7.20 22.20
C LYS A 574 7.93 7.66 22.21
N ILE A 575 7.36 7.74 21.01
CA ILE A 575 5.94 8.07 20.88
C ILE A 575 5.05 6.86 21.16
N LYS A 576 5.61 5.65 21.08
CA LYS A 576 4.91 4.48 21.63
C LYS A 576 4.76 4.63 23.13
N ASP A 577 5.77 5.19 23.80
CA ASP A 577 5.65 5.67 25.16
C ASP A 577 4.95 7.02 25.12
N ILE A 578 5.03 7.80 26.20
CA ILE A 578 4.37 9.11 26.32
C ILE A 578 2.86 8.91 26.42
N LEU A 579 2.28 8.12 25.52
CA LEU A 579 0.87 7.79 25.61
C LEU A 579 0.55 7.05 26.91
N LYS A 580 1.38 6.06 27.26
CA LYS A 580 1.16 5.31 28.50
C LYS A 580 1.37 6.19 29.73
N LYS A 581 2.38 7.06 29.68
CA LYS A 581 2.59 8.01 30.78
C LYS A 581 1.41 8.96 30.91
N TYR A 582 0.85 9.39 29.77
CA TYR A 582 -0.33 10.26 29.78
C TYR A 582 -1.52 9.55 30.41
N ALA A 583 -1.74 8.28 30.05
CA ALA A 583 -2.83 7.52 30.64
C ALA A 583 -2.66 7.35 32.15
N GLU A 584 -1.44 7.00 32.57
CA GLU A 584 -1.18 6.83 34.00
C GLU A 584 -1.36 8.12 34.78
N GLU A 585 -0.86 9.24 34.22
CA GLU A 585 -0.99 10.52 34.89
C GLU A 585 -2.45 10.97 34.94
N TYR A 586 -3.21 10.71 33.87
CA TYR A 586 -4.63 11.04 33.87
C TYR A 586 -5.37 10.26 34.94
N TYR A 587 -5.06 8.96 35.07
CA TYR A 587 -5.69 8.16 36.12
C TYR A 587 -5.34 8.68 37.51
N ASN A 588 -4.06 9.03 37.72
CA ASN A 588 -3.64 9.53 39.02
C ASN A 588 -4.31 10.86 39.36
N ARG A 589 -4.42 11.75 38.37
CA ARG A 589 -5.09 13.03 38.61
C ARG A 589 -6.57 12.85 38.86
N CYS A 590 -7.20 11.89 38.16
CA CYS A 590 -8.62 11.64 38.40
C CYS A 590 -8.87 11.10 39.80
N ILE A 591 -7.98 10.23 40.29
CA ILE A 591 -8.13 9.77 41.67
C ILE A 591 -7.86 10.90 42.67
N THR A 592 -6.80 11.69 42.43
CA THR A 592 -6.43 12.75 43.34
C THR A 592 -7.37 13.96 43.24
N SER A 593 -8.15 14.07 42.16
CA SER A 593 -9.02 15.21 41.88
C SER A 593 -8.22 16.51 41.81
N ASN A 594 -7.32 16.56 40.82
CA ASN A 594 -6.46 17.70 40.57
C ASN A 594 -6.68 18.16 39.13
N PHE A 595 -7.66 19.04 38.93
CA PHE A 595 -8.05 19.48 37.59
C PHE A 595 -7.83 20.98 37.39
N ASN A 596 -6.84 21.56 38.06
CA ASN A 596 -6.58 22.98 37.94
C ASN A 596 -5.10 23.26 37.71
N GLU A 597 -4.35 22.27 37.25
CA GLU A 597 -2.93 22.44 36.92
C GLU A 597 -2.66 21.73 35.61
N PRO A 598 -1.66 22.17 34.85
CA PRO A 598 -1.33 21.48 33.60
C PRO A 598 -0.86 20.06 33.84
N LEU A 599 -1.19 19.18 32.89
CA LEU A 599 -0.80 17.78 33.01
C LEU A 599 0.63 17.55 32.57
N MET A 600 0.93 17.82 31.30
CA MET A 600 2.27 17.73 30.74
C MET A 600 2.62 19.02 30.02
N GLY A 601 2.39 20.15 30.70
CA GLY A 601 2.49 21.43 30.05
C GLY A 601 1.42 21.62 28.99
N LEU A 602 0.22 21.10 29.25
CA LEU A 602 -0.85 21.08 28.27
C LEU A 602 -1.96 22.09 28.55
N GLU A 603 -1.84 22.89 29.61
CA GLU A 603 -2.83 23.93 29.93
C GLU A 603 -4.22 23.33 30.09
N ALA A 604 -4.40 22.62 31.21
CA ALA A 604 -5.39 21.55 31.29
C ALA A 604 -6.83 22.06 31.23
N SER A 605 -7.17 22.63 30.08
CA SER A 605 -8.53 22.70 29.60
C SER A 605 -8.70 21.95 28.28
N LYS A 606 -7.61 21.65 27.58
CA LYS A 606 -7.65 20.72 26.45
C LYS A 606 -7.77 19.29 26.91
N VAL A 607 -7.48 19.01 28.19
CA VAL A 607 -7.80 17.73 28.82
C VAL A 607 -8.81 18.05 29.92
N PHE A 608 -9.28 17.01 30.62
CA PHE A 608 -10.21 17.18 31.74
C PHE A 608 -11.49 17.88 31.30
N PRO A 609 -12.41 17.18 30.63
CA PRO A 609 -13.63 17.82 30.10
C PRO A 609 -14.45 18.59 31.12
N SER A 610 -15.44 19.34 30.63
CA SER A 610 -16.09 20.38 31.43
C SER A 610 -16.87 19.83 32.62
N SER A 611 -17.13 18.52 32.68
CA SER A 611 -17.78 17.96 33.85
C SER A 611 -16.88 18.00 35.08
N LEU A 612 -15.57 18.11 34.91
CA LEU A 612 -14.63 18.11 36.01
C LEU A 612 -13.95 19.45 36.24
N THR A 613 -13.68 20.21 35.18
CA THR A 613 -12.93 21.45 35.29
C THR A 613 -13.82 22.67 35.50
N SER A 614 -15.15 22.52 35.44
CA SER A 614 -16.04 23.67 35.56
C SER A 614 -17.38 23.16 36.11
N THR A 615 -17.63 23.42 37.40
CA THR A 615 -18.84 22.96 38.06
C THR A 615 -19.42 24.09 38.90
N VAL A 616 -20.68 23.91 39.29
CA VAL A 616 -21.36 24.83 40.21
C VAL A 616 -21.93 24.02 41.36
N GLU A 617 -22.14 24.71 42.49
CA GLU A 617 -22.54 24.03 43.71
C GLU A 617 -24.04 23.70 43.69
N ILE A 618 -24.87 24.70 43.43
CA ILE A 618 -26.31 24.52 43.40
C ILE A 618 -26.76 24.58 41.95
N ASP A 619 -27.88 23.94 41.65
CA ASP A 619 -28.40 23.90 40.28
C ASP A 619 -28.69 25.31 39.78
N GLU A 620 -28.26 25.58 38.55
CA GLU A 620 -28.38 26.90 37.95
C GLU A 620 -29.83 27.19 37.57
N LYS A 621 -30.08 28.46 37.28
CA LYS A 621 -31.39 28.93 36.84
C LYS A 621 -31.36 29.15 35.34
N ILE A 622 -32.34 28.60 34.64
CA ILE A 622 -32.36 28.69 33.17
C ILE A 622 -32.73 30.10 32.76
N ASP A 623 -31.90 30.69 31.91
CA ASP A 623 -32.16 32.05 31.44
C ASP A 623 -33.26 32.07 30.37
N LYS A 624 -33.80 33.26 30.14
CA LYS A 624 -34.89 33.40 29.19
C LYS A 624 -34.42 33.32 27.76
N ASP A 625 -33.15 33.64 27.50
CA ASP A 625 -32.68 33.81 26.12
C ASP A 625 -32.52 32.47 25.40
N LYS A 626 -32.03 31.45 26.10
CA LYS A 626 -31.66 30.20 25.43
C LYS A 626 -32.88 29.48 24.88
N ILE A 627 -34.00 29.49 25.60
CA ILE A 627 -35.21 28.85 25.11
C ILE A 627 -35.69 29.54 23.83
N LEU A 628 -35.65 30.87 23.81
CA LEU A 628 -36.05 31.60 22.61
C LEU A 628 -35.12 31.32 21.45
N MET A 629 -33.81 31.22 21.71
CA MET A 629 -32.87 30.88 20.63
C MET A 629 -33.14 29.49 20.06
N ARG A 630 -33.40 28.51 20.94
CA ARG A 630 -33.70 27.16 20.46
C ARG A 630 -35.00 27.14 19.67
N ILE A 631 -36.03 27.85 20.14
CA ILE A 631 -37.30 27.90 19.42
C ILE A 631 -37.12 28.55 18.06
N SER A 632 -36.35 29.64 18.01
CA SER A 632 -36.12 30.32 16.74
C SER A 632 -35.35 29.44 15.76
N GLU A 633 -34.35 28.71 16.26
CA GLU A 633 -33.59 27.81 15.39
C GLU A 633 -34.48 26.70 14.84
N LYS A 634 -35.30 26.11 15.70
CA LYS A 634 -36.22 25.05 15.23
C LYS A 634 -37.20 25.60 14.21
N TYR A 635 -37.75 26.79 14.47
CA TYR A 635 -38.67 27.42 13.52
C TYR A 635 -38.00 27.69 12.18
N ASN A 636 -36.78 28.22 12.20
CA ASN A 636 -36.09 28.51 10.95
C ASN A 636 -35.80 27.25 10.16
N GLU A 637 -35.36 26.19 10.83
CA GLU A 637 -35.10 24.93 10.12
C GLU A 637 -36.39 24.35 9.54
N LEU A 638 -37.47 24.38 10.34
CA LEU A 638 -38.74 23.83 9.86
C LEU A 638 -39.28 24.59 8.66
N THR A 639 -39.25 25.93 8.72
CA THR A 639 -39.77 26.71 7.61
C THR A 639 -38.86 26.62 6.38
N LYS A 640 -37.54 26.47 6.58
CA LYS A 640 -36.65 26.28 5.45
C LYS A 640 -36.94 24.96 4.74
N PHE A 641 -37.12 23.88 5.51
CA PHE A 641 -37.44 22.61 4.88
C PHE A 641 -38.82 22.64 4.23
N ASP A 642 -39.78 23.34 4.85
CA ASP A 642 -41.12 23.44 4.27
C ASP A 642 -41.08 24.20 2.95
N GLU A 643 -40.32 25.28 2.88
CA GLU A 643 -40.21 26.04 1.63
C GLU A 643 -39.45 25.24 0.57
N GLU A 644 -38.44 24.47 0.98
CA GLU A 644 -37.68 23.68 0.02
C GLU A 644 -38.50 22.50 -0.50
N ASN A 645 -39.46 22.01 0.30
CA ASN A 645 -40.26 20.87 -0.13
C ASN A 645 -41.12 21.21 -1.34
N LYS A 646 -41.72 22.40 -1.36
CA LYS A 646 -42.62 22.77 -2.44
C LYS A 646 -41.86 23.34 -3.64
N SER A 647 -40.85 22.60 -4.09
CA SER A 647 -40.16 22.89 -5.35
C SER A 647 -39.90 21.67 -6.19
N ARG A 648 -39.86 20.47 -5.60
CA ARG A 648 -39.74 19.21 -6.31
C ARG A 648 -41.11 18.59 -6.55
N LYS A 649 -42.18 19.30 -6.21
CA LYS A 649 -43.62 19.02 -6.43
C LYS A 649 -44.08 17.71 -5.79
N ALA A 650 -43.15 17.00 -5.11
CA ALA A 650 -43.36 15.84 -4.25
C ALA A 650 -44.45 14.89 -4.73
N PRO A 651 -44.26 14.20 -5.86
CA PRO A 651 -45.28 13.22 -6.29
C PRO A 651 -45.06 11.85 -5.67
N TRP A 652 -45.10 11.83 -4.33
CA TRP A 652 -44.72 10.69 -3.49
C TRP A 652 -43.23 10.35 -3.62
N ARG A 653 -42.39 11.33 -3.97
CA ARG A 653 -40.95 11.16 -4.11
C ARG A 653 -40.22 12.14 -3.17
N PHE A 654 -38.91 12.27 -3.39
CA PHE A 654 -37.98 13.02 -2.55
C PHE A 654 -37.84 12.35 -1.18
N ALA A 655 -37.25 13.06 -0.22
CA ALA A 655 -36.93 12.46 1.07
C ALA A 655 -38.19 12.16 1.86
N SER A 656 -38.30 10.92 2.35
CA SER A 656 -39.43 10.51 3.17
C SER A 656 -39.07 10.27 4.62
N LYS A 657 -37.81 9.95 4.92
CA LYS A 657 -37.41 9.75 6.31
C LYS A 657 -37.53 11.04 7.12
N ARG A 658 -37.12 12.17 6.52
CA ARG A 658 -37.19 13.45 7.23
C ARG A 658 -38.63 13.82 7.54
N LYS A 659 -39.56 13.54 6.63
CA LYS A 659 -40.96 13.85 6.87
C LYS A 659 -41.50 13.06 8.07
N ILE A 660 -41.23 11.74 8.10
CA ILE A 660 -41.69 10.91 9.19
C ILE A 660 -41.07 11.36 10.51
N ASP A 661 -39.78 11.73 10.47
CA ASP A 661 -39.14 12.26 11.66
C ASP A 661 -39.82 13.53 12.14
N ILE A 662 -40.23 14.39 11.20
CA ILE A 662 -40.89 15.64 11.57
C ILE A 662 -42.25 15.38 12.23
N ILE A 663 -43.05 14.48 11.66
CA ILE A 663 -44.34 14.15 12.27
C ILE A 663 -44.14 13.56 13.66
N LEU A 664 -43.20 12.63 13.80
CA LEU A 664 -42.99 11.99 15.10
C LEU A 664 -42.49 13.00 16.13
N ASP A 665 -41.60 13.91 15.72
CA ASP A 665 -41.12 14.94 16.64
C ASP A 665 -42.24 15.88 17.06
N TYR A 666 -43.10 16.27 16.12
CA TYR A 666 -44.21 17.14 16.46
C TYR A 666 -45.15 16.47 17.47
N VAL A 667 -45.50 15.21 17.23
CA VAL A 667 -46.40 14.50 18.13
C VAL A 667 -45.75 14.36 19.51
N HIS A 668 -44.48 13.98 19.55
CA HIS A 668 -43.80 13.78 20.82
C HIS A 668 -43.69 15.08 21.61
N LEU A 669 -43.37 16.18 20.93
CA LEU A 669 -43.23 17.46 21.61
C LEU A 669 -44.57 17.95 22.16
N VAL A 670 -45.65 17.79 21.39
CA VAL A 670 -46.96 18.18 21.88
C VAL A 670 -47.35 17.32 23.08
N TYR A 671 -47.08 16.01 23.02
CA TYR A 671 -47.40 15.14 24.14
C TYR A 671 -46.61 15.51 25.38
N SER A 672 -45.32 15.84 25.23
CA SER A 672 -44.52 16.23 26.38
C SER A 672 -45.02 17.52 27.00
N ASP A 673 -45.38 18.50 26.16
CA ASP A 673 -45.92 19.75 26.67
C ASP A 673 -47.20 19.52 27.46
N ARG A 674 -48.09 18.66 26.95
CA ARG A 674 -49.31 18.36 27.69
C ARG A 674 -49.00 17.60 28.99
N ALA A 675 -48.07 16.65 28.92
CA ALA A 675 -47.81 15.77 30.06
C ALA A 675 -47.16 16.51 31.22
N PHE A 676 -46.32 17.51 30.94
CA PHE A 676 -45.74 18.27 32.04
C PHE A 676 -46.82 19.03 32.80
N ASP A 677 -47.78 19.63 32.09
CA ASP A 677 -48.87 20.33 32.74
C ASP A 677 -49.77 19.35 33.50
N GLU A 678 -50.00 18.17 32.94
CA GLU A 678 -50.83 17.18 33.62
C GLU A 678 -50.12 16.55 34.81
N LYS A 679 -48.83 16.82 35.00
CA LYS A 679 -48.06 16.36 36.16
C LYS A 679 -48.04 14.83 36.24
N LYS A 680 -47.43 14.22 35.24
CA LYS A 680 -47.25 12.77 35.19
C LYS A 680 -45.80 12.43 35.50
N SER A 681 -45.59 11.31 36.18
CA SER A 681 -44.25 10.89 36.57
C SER A 681 -43.49 10.33 35.37
N VAL A 682 -42.25 9.93 35.60
CA VAL A 682 -41.42 9.38 34.54
C VAL A 682 -41.98 8.05 34.08
N ASP A 683 -42.38 7.19 35.00
CA ASP A 683 -42.93 5.88 34.64
C ASP A 683 -44.27 6.02 33.94
N ALA A 684 -45.08 7.00 34.34
CA ALA A 684 -46.37 7.22 33.69
C ALA A 684 -46.19 7.66 32.24
N MET A 685 -45.23 8.55 31.98
CA MET A 685 -44.99 8.98 30.61
C MET A 685 -44.32 7.90 29.78
N ARG A 686 -43.45 7.10 30.39
CA ARG A 686 -42.76 6.04 29.64
C ARG A 686 -43.73 4.97 29.15
N HIS A 687 -44.69 4.58 29.99
CA HIS A 687 -45.69 3.60 29.58
C HIS A 687 -46.69 4.17 28.59
N GLU A 688 -46.80 5.50 28.51
CA GLU A 688 -47.74 6.16 27.61
C GLU A 688 -47.07 6.65 26.33
N ALA A 689 -45.81 6.30 26.11
CA ALA A 689 -45.06 6.73 24.94
C ALA A 689 -44.64 5.50 24.13
N LEU A 690 -43.81 5.73 23.12
CA LEU A 690 -43.40 4.67 22.20
C LEU A 690 -42.10 4.04 22.68
N ASN A 691 -42.13 2.72 22.93
CA ASN A 691 -40.93 1.97 23.22
C ASN A 691 -40.31 1.51 21.90
N ASP A 692 -39.34 0.60 21.96
CA ASP A 692 -38.60 0.20 20.77
C ASP A 692 -39.50 -0.51 19.76
N MET A 693 -40.25 -1.52 20.23
CA MET A 693 -41.10 -2.28 19.32
C MET A 693 -42.20 -1.42 18.71
N GLU A 694 -42.85 -0.58 19.54
CA GLU A 694 -43.91 0.27 19.03
C GLU A 694 -43.36 1.33 18.07
N TYR A 695 -42.17 1.87 18.36
CA TYR A 695 -41.58 2.83 17.44
C TYR A 695 -41.24 2.18 16.11
N MET A 696 -40.70 0.96 16.13
CA MET A 696 -40.41 0.27 14.88
C MET A 696 -41.68 -0.02 14.09
N ASP A 697 -42.74 -0.46 14.77
CA ASP A 697 -44.01 -0.72 14.09
C ASP A 697 -44.60 0.56 13.50
N THR A 698 -44.54 1.66 14.25
CA THR A 698 -45.06 2.94 13.75
C THR A 698 -44.26 3.42 12.56
N PHE A 699 -42.93 3.28 12.61
CA PHE A 699 -42.10 3.69 11.48
C PHE A 699 -42.42 2.87 10.23
N GLU A 700 -42.58 1.55 10.38
CA GLU A 700 -42.94 0.72 9.23
C GLU A 700 -44.30 1.11 8.68
N TYR A 701 -45.28 1.33 9.56
CA TYR A 701 -46.62 1.69 9.11
C TYR A 701 -46.62 3.01 8.36
N LEU A 702 -45.86 4.00 8.86
CA LEU A 702 -45.82 5.29 8.18
C LEU A 702 -45.04 5.19 6.87
N ARG A 703 -44.00 4.36 6.82
CA ARG A 703 -43.26 4.18 5.57
C ARG A 703 -44.14 3.53 4.52
N TYR A 704 -45.04 2.64 4.93
CA TYR A 704 -45.92 1.95 3.98
C TYR A 704 -47.37 2.36 4.25
N TYR A 705 -47.60 3.66 4.37
CA TYR A 705 -48.92 4.18 4.77
C TYR A 705 -50.03 3.71 3.85
N GLY A 706 -49.78 3.72 2.53
CA GLY A 706 -50.81 3.27 1.60
C GLY A 706 -51.11 1.79 1.71
N ARG A 707 -50.14 1.00 2.17
CA ARG A 707 -50.35 -0.45 2.24
C ARG A 707 -51.25 -0.83 3.40
N TYR A 708 -51.13 -0.16 4.54
CA TYR A 708 -51.97 -0.43 5.71
C TYR A 708 -52.80 0.82 6.01
N ARG A 709 -54.06 0.80 5.60
CA ARG A 709 -55.03 1.81 6.01
C ARG A 709 -56.31 1.14 6.47
N GLU A 710 -56.58 -0.06 5.94
CA GLU A 710 -57.75 -0.83 6.29
C GLU A 710 -57.46 -2.03 7.16
N THR A 711 -56.19 -2.41 7.31
CA THR A 711 -55.84 -3.53 8.16
C THR A 711 -56.08 -3.21 9.63
N GLU A 712 -56.47 -4.22 10.39
CA GLU A 712 -56.81 -4.01 11.79
C GLU A 712 -55.60 -3.70 12.66
N GLU A 713 -54.39 -4.04 12.20
CA GLU A 713 -53.19 -3.72 12.96
C GLU A 713 -53.00 -2.20 13.08
N PHE A 714 -53.18 -1.48 11.98
CA PHE A 714 -53.01 -0.03 11.99
C PHE A 714 -54.05 0.62 12.90
N LYS A 715 -55.31 0.17 12.81
CA LYS A 715 -56.35 0.71 13.68
C LYS A 715 -56.04 0.42 15.14
N LYS A 716 -55.58 -0.79 15.44
CA LYS A 716 -55.27 -1.16 16.82
C LYS A 716 -54.13 -0.32 17.38
N ILE A 717 -53.10 -0.06 16.57
CA ILE A 717 -51.95 0.68 17.06
C ILE A 717 -52.27 2.17 17.18
N PHE A 718 -52.82 2.77 16.12
CA PHE A 718 -52.97 4.22 16.07
C PHE A 718 -54.29 4.73 16.63
N PHE A 719 -55.21 3.86 17.02
CA PHE A 719 -56.51 4.30 17.51
C PHE A 719 -56.97 3.62 18.79
N GLU A 720 -56.44 2.46 19.14
CA GLU A 720 -56.85 1.74 20.34
C GLU A 720 -55.82 1.80 21.45
N ASP A 721 -54.57 1.41 21.17
CA ASP A 721 -53.54 1.41 22.20
C ASP A 721 -52.98 2.81 22.42
N LYS A 722 -52.39 3.40 21.38
CA LYS A 722 -51.80 4.73 21.49
C LYS A 722 -52.86 5.79 21.23
N LYS A 723 -53.74 5.96 22.22
CA LYS A 723 -54.83 6.92 22.12
C LYS A 723 -54.40 8.33 22.53
N LEU A 724 -53.89 8.47 23.75
CA LEU A 724 -53.53 9.79 24.25
C LEU A 724 -52.28 10.33 23.58
N TYR A 725 -51.34 9.47 23.20
CA TYR A 725 -50.09 9.94 22.61
C TYR A 725 -50.33 10.52 21.21
N PHE A 726 -51.16 9.87 20.41
CA PHE A 726 -51.39 10.28 19.02
C PHE A 726 -52.61 11.18 18.86
N SER A 727 -53.07 11.80 19.95
CA SER A 727 -54.28 12.61 19.89
C SER A 727 -54.25 13.76 18.89
N PRO A 728 -53.19 14.58 18.78
CA PRO A 728 -53.27 15.74 17.86
C PRO A 728 -53.36 15.37 16.39
N ILE A 729 -53.26 14.10 16.02
CA ILE A 729 -53.22 13.71 14.62
C ILE A 729 -54.34 12.74 14.23
N LEU A 730 -55.20 12.36 15.17
CA LEU A 730 -56.28 11.43 14.85
C LEU A 730 -57.24 12.01 13.82
N LYS A 731 -57.54 13.31 13.92
CA LYS A 731 -58.49 13.93 13.00
C LYS A 731 -57.93 13.99 11.58
N ALA A 732 -56.63 14.27 11.44
CA ALA A 732 -56.05 14.36 10.11
C ALA A 732 -55.85 13.00 9.47
N MET A 733 -55.46 12.00 10.27
CA MET A 733 -55.16 10.68 9.72
C MET A 733 -56.40 9.98 9.18
N LYS A 734 -57.56 10.24 9.77
CA LYS A 734 -58.78 9.56 9.34
C LYS A 734 -59.19 9.97 7.94
N GLN A 735 -59.27 11.27 7.68
CA GLN A 735 -59.69 11.79 6.38
C GLN A 735 -58.49 12.15 5.49
N LEU A 736 -57.56 11.22 5.29
CA LEU A 736 -56.40 11.48 4.46
C LEU A 736 -55.76 10.15 4.09
N ASP A 737 -54.79 10.22 3.18
CA ASP A 737 -54.05 9.05 2.71
C ASP A 737 -52.76 9.51 2.04
N SER A 738 -51.90 8.54 1.76
CA SER A 738 -50.63 8.66 1.01
C SER A 738 -49.55 9.44 1.76
N LEU A 739 -49.83 9.98 2.95
CA LEU A 739 -48.87 10.60 3.85
C LEU A 739 -48.35 11.95 3.34
N GLU A 740 -48.66 12.29 2.09
CA GLU A 740 -48.22 13.59 1.58
C GLU A 740 -49.09 14.74 2.09
N GLY A 741 -50.27 14.45 2.63
CA GLY A 741 -51.09 15.47 3.23
C GLY A 741 -50.91 15.51 4.73
N VAL A 742 -50.67 14.36 5.35
CA VAL A 742 -50.46 14.32 6.79
C VAL A 742 -49.16 15.01 7.15
N PHE A 743 -48.15 14.96 6.26
CA PHE A 743 -46.93 15.71 6.50
C PHE A 743 -47.16 17.21 6.46
N ASN A 744 -47.97 17.67 5.52
CA ASN A 744 -48.31 19.09 5.44
C ASN A 744 -49.11 19.53 6.67
N PHE A 745 -50.05 18.70 7.11
CA PHE A 745 -50.81 19.02 8.31
C PHE A 745 -49.89 19.06 9.54
N ALA A 746 -48.94 18.13 9.61
CA ALA A 746 -47.99 18.12 10.72
C ALA A 746 -47.11 19.37 10.71
N ILE A 747 -46.63 19.78 9.53
CA ILE A 747 -45.80 20.98 9.46
C ILE A 747 -46.61 22.22 9.80
N THR A 748 -47.89 22.25 9.40
CA THR A 748 -48.73 23.40 9.73
C THR A 748 -48.98 23.48 11.23
N GLY A 749 -49.31 22.35 11.86
CA GLY A 749 -49.50 22.35 13.30
C GLY A 749 -48.23 22.70 14.05
N PHE A 750 -47.09 22.19 13.58
CA PHE A 750 -45.81 22.50 14.22
C PHE A 750 -45.51 23.99 14.15
N LEU A 751 -45.69 24.59 12.96
CA LEU A 751 -45.40 26.01 12.82
C LEU A 751 -46.39 26.86 13.61
N ASN A 752 -47.66 26.46 13.65
CA ASN A 752 -48.64 27.19 14.44
C ASN A 752 -48.31 27.14 15.92
N TYR A 753 -47.91 25.97 16.42
CA TYR A 753 -47.53 25.84 17.82
C TYR A 753 -46.29 26.66 18.13
N LEU A 754 -45.30 26.65 17.23
CA LEU A 754 -44.07 27.39 17.48
C LEU A 754 -44.29 28.89 17.44
N LYS A 755 -45.19 29.37 16.57
CA LYS A 755 -45.58 30.77 16.63
C LYS A 755 -46.37 31.09 17.89
N GLY A 756 -47.20 30.16 18.36
CA GLY A 756 -48.06 30.44 19.49
C GLY A 756 -47.34 30.42 20.82
N ILE A 757 -46.11 29.89 20.85
CA ILE A 757 -45.38 29.80 22.11
C ILE A 757 -44.44 31.00 22.32
N GLN A 758 -43.92 31.60 21.25
CA GLN A 758 -42.93 32.68 21.35
C GLN A 758 -43.46 33.92 22.10
N SER A 759 -44.73 33.93 22.53
CA SER A 759 -45.24 35.00 23.37
C SER A 759 -45.71 34.50 24.73
N LYS A 760 -45.52 33.21 25.04
CA LYS A 760 -45.93 32.64 26.32
C LYS A 760 -44.73 32.13 27.10
N VAL A 761 -43.58 32.80 26.94
CA VAL A 761 -42.38 32.44 27.68
C VAL A 761 -41.94 33.63 28.51
N THR A 762 -42.21 33.59 29.80
CA THR A 762 -41.80 34.65 30.71
C THR A 762 -40.77 34.10 31.71
N ASP A 763 -40.24 34.99 32.55
CA ASP A 763 -39.27 34.58 33.56
C ASP A 763 -39.90 33.71 34.65
N GLU A 764 -41.22 33.72 34.78
CA GLU A 764 -41.90 32.95 35.81
C GLU A 764 -42.31 31.56 35.34
N ASN A 765 -42.08 31.21 34.07
CA ASN A 765 -42.41 29.88 33.57
C ASN A 765 -41.30 29.32 32.67
N THR A 766 -40.06 29.73 32.90
CA THR A 766 -38.95 29.19 32.13
C THR A 766 -38.63 27.74 32.47
N ASN A 767 -39.05 27.27 33.65
CA ASN A 767 -38.77 25.89 34.04
C ASN A 767 -39.49 24.91 33.15
N LYS A 768 -40.75 25.19 32.81
CA LYS A 768 -41.53 24.27 31.99
C LYS A 768 -40.91 24.07 30.61
N TYR A 769 -40.54 25.16 29.95
CA TYR A 769 -40.01 25.02 28.60
C TYR A 769 -38.53 24.68 28.62
N GLY A 770 -37.83 24.91 29.73
CA GLY A 770 -36.51 24.34 29.88
C GLY A 770 -36.55 22.82 29.99
N LYS A 771 -37.58 22.30 30.66
CA LYS A 771 -37.77 20.86 30.69
C LYS A 771 -38.22 20.33 29.34
N VAL A 772 -39.10 21.07 28.65
CA VAL A 772 -39.65 20.61 27.38
C VAL A 772 -38.58 20.59 26.30
N PHE A 773 -37.81 21.66 26.18
CA PHE A 773 -36.80 21.78 25.14
C PHE A 773 -35.42 21.31 25.58
N LYS A 774 -35.29 20.84 26.81
CA LYS A 774 -34.08 20.17 27.32
C LYS A 774 -32.85 21.07 27.22
N VAL A 775 -32.88 22.17 27.97
CA VAL A 775 -31.71 23.01 28.20
C VAL A 775 -31.32 22.87 29.67
N THR A 776 -30.05 22.51 29.91
CA THR A 776 -29.57 22.19 31.23
C THR A 776 -28.60 23.27 31.72
N GLY A 777 -28.04 23.04 32.91
CA GLY A 777 -27.17 24.00 33.54
C GLY A 777 -25.70 23.82 33.25
N LYS A 778 -24.88 23.81 34.30
CA LYS A 778 -23.43 23.78 34.18
C LYS A 778 -22.83 22.75 35.12
N SER A 779 -23.38 21.53 35.09
CA SER A 779 -22.92 20.39 35.88
C SER A 779 -23.04 20.64 37.38
N LEU A 780 -22.65 19.66 38.19
CA LEU A 780 -22.78 19.73 39.63
C LEU A 780 -21.47 19.34 40.31
N THR A 781 -21.16 20.01 41.41
CA THR A 781 -19.95 19.69 42.17
C THR A 781 -20.11 18.40 42.95
N SER A 782 -21.35 18.03 43.30
CA SER A 782 -21.58 16.83 44.09
C SER A 782 -21.31 15.55 43.31
N LYS A 783 -21.29 15.61 41.98
CA LYS A 783 -21.06 14.45 41.15
C LYS A 783 -19.71 14.51 40.44
N ILE A 784 -18.73 15.17 41.06
CA ILE A 784 -17.40 15.22 40.48
C ILE A 784 -16.72 13.86 40.57
N GLY A 785 -16.86 13.17 41.69
CA GLY A 785 -16.19 11.89 41.87
C GLY A 785 -16.70 10.82 40.92
N HIS A 786 -18.03 10.76 40.73
CA HIS A 786 -18.60 9.78 39.81
C HIS A 786 -18.14 10.02 38.38
N HIS A 787 -18.14 11.28 37.95
CA HIS A 787 -17.69 11.60 36.60
C HIS A 787 -16.20 11.34 36.44
N SER A 788 -15.41 11.59 37.49
CA SER A 788 -13.98 11.27 37.43
C SER A 788 -13.77 9.76 37.30
N GLU A 789 -14.56 8.97 38.03
CA GLU A 789 -14.47 7.51 37.89
C GLU A 789 -14.85 7.07 36.49
N MET A 790 -15.86 7.71 35.89
CA MET A 790 -16.25 7.36 34.53
C MET A 790 -15.16 7.74 33.52
N PHE A 791 -14.54 8.91 33.71
CA PHE A 791 -13.62 9.46 32.71
C PHE A 791 -12.18 9.00 32.87
N SER A 792 -11.82 8.39 34.00
CA SER A 792 -10.44 7.98 34.21
C SER A 792 -10.02 6.79 33.36
N VAL A 793 -10.96 6.14 32.67
CA VAL A 793 -10.67 4.89 31.98
C VAL A 793 -10.93 5.04 30.48
N ASN A 794 -11.85 5.92 30.11
CA ASN A 794 -12.42 5.96 28.77
C ASN A 794 -12.30 7.36 28.16
N HIS A 795 -11.10 7.92 28.15
CA HIS A 795 -10.94 9.31 27.78
C HIS A 795 -10.32 9.45 26.39
N CYS A 796 -9.99 10.69 26.02
CA CYS A 796 -9.49 11.03 24.69
C CYS A 796 -8.07 11.57 24.78
N VAL A 797 -7.40 11.60 23.62
CA VAL A 797 -6.02 12.03 23.52
C VAL A 797 -5.94 13.24 22.60
N PRO A 798 -5.53 14.41 23.09
CA PRO A 798 -5.42 15.58 22.21
C PRO A 798 -4.21 15.48 21.30
N GLN A 799 -4.19 16.31 20.27
CA GLN A 799 -3.12 16.31 19.29
C GLN A 799 -1.92 17.15 19.71
N GLU A 800 -2.01 17.87 20.82
CA GLU A 800 -0.91 18.71 21.30
C GLU A 800 0.05 17.95 22.20
N LEU A 801 -0.14 16.64 22.36
CA LEU A 801 0.78 15.85 23.18
C LEU A 801 2.13 15.68 22.51
N ILE A 802 2.17 15.76 21.19
CA ILE A 802 3.41 15.63 20.42
C ILE A 802 3.93 17.04 20.13
N LYS A 803 5.16 17.31 20.53
CA LYS A 803 5.77 18.63 20.38
C LYS A 803 6.88 18.55 19.34
N LEU A 804 6.84 19.46 18.37
CA LEU A 804 7.83 19.52 17.30
C LEU A 804 8.91 20.56 17.56
N ASN A 805 9.24 20.80 18.83
CA ASN A 805 10.17 21.87 19.17
C ASN A 805 11.59 21.55 18.73
N ASP A 806 12.01 20.29 18.80
CA ASP A 806 13.39 19.92 18.54
C ASP A 806 13.63 19.38 17.14
N ILE A 807 12.62 19.44 16.26
CA ILE A 807 12.83 19.05 14.87
C ILE A 807 13.74 20.06 14.19
N LYS A 808 14.48 19.62 13.18
CA LYS A 808 15.43 20.49 12.50
C LYS A 808 14.70 21.59 11.74
N GLY A 809 15.14 22.83 11.96
CA GLY A 809 14.55 23.97 11.31
C GLY A 809 13.39 24.61 12.02
N TYR A 810 12.99 24.10 13.18
CA TYR A 810 11.83 24.66 13.87
C TYR A 810 12.11 26.06 14.41
N MET A 811 13.31 26.28 14.96
CA MET A 811 13.62 27.58 15.54
C MET A 811 13.67 28.67 14.48
N LYS A 812 14.26 28.36 13.32
CA LYS A 812 14.31 29.33 12.23
C LYS A 812 12.89 29.67 11.74
N TRP A 813 12.03 28.66 11.60
CA TRP A 813 10.66 28.91 11.19
C TRP A 813 9.91 29.75 12.22
N LYS A 814 10.12 29.45 13.50
CA LYS A 814 9.44 30.21 14.55
C LYS A 814 9.90 31.66 14.56
N HIS A 815 11.20 31.89 14.37
CA HIS A 815 11.69 33.27 14.36
C HIS A 815 11.30 34.02 13.10
N GLU A 816 11.16 33.30 11.97
CA GLU A 816 10.91 33.96 10.69
C GLU A 816 9.56 34.66 10.68
N THR A 817 8.49 33.94 11.03
CA THR A 817 7.16 34.54 11.03
C THR A 817 7.06 35.64 12.08
N LYS A 818 7.05 35.25 13.36
CA LYS A 818 7.18 36.13 14.51
C LYS A 818 6.05 37.16 14.66
N ASP A 819 5.13 37.20 13.69
CA ASP A 819 4.03 38.16 13.74
C ASP A 819 2.68 37.58 13.35
N LYS A 820 2.62 36.41 12.72
CA LYS A 820 1.35 35.76 12.47
C LYS A 820 0.81 35.19 13.77
N LEU A 821 -0.03 35.98 14.45
CA LEU A 821 -0.47 35.62 15.80
C LEU A 821 -1.39 34.39 15.81
N TRP A 822 -1.99 34.05 14.67
CA TRP A 822 -2.91 32.92 14.59
C TRP A 822 -2.24 31.65 14.10
N ILE A 823 -0.91 31.65 13.95
CA ILE A 823 -0.24 30.50 13.35
C ILE A 823 -0.26 29.32 14.32
N SER A 824 -0.08 28.12 13.76
CA SER A 824 -0.12 26.88 14.52
C SER A 824 1.01 25.97 14.05
N ASP A 825 1.05 24.77 14.61
CA ASP A 825 2.11 23.81 14.31
C ASP A 825 1.93 23.14 12.96
N PHE A 826 0.76 23.25 12.32
CA PHE A 826 0.56 22.68 11.00
C PHE A 826 1.24 23.48 9.90
N ALA A 827 1.47 24.78 10.12
CA ALA A 827 2.20 25.58 9.14
C ALA A 827 3.63 25.09 9.00
N PHE A 828 4.24 24.68 10.11
CA PHE A 828 5.59 24.11 10.05
C PHE A 828 5.61 22.82 9.24
N ILE A 829 4.61 21.96 9.44
CA ILE A 829 4.52 20.72 8.67
C ILE A 829 4.37 21.02 7.19
N ARG A 830 3.51 21.98 6.85
CA ARG A 830 3.31 22.35 5.45
C ARG A 830 4.60 22.91 4.85
N ASN A 831 5.31 23.75 5.60
CA ASN A 831 6.56 24.32 5.10
C ASN A 831 7.60 23.25 4.84
N VAL A 832 7.76 22.32 5.80
CA VAL A 832 8.75 21.27 5.65
C VAL A 832 8.41 20.36 4.48
N LEU A 833 7.13 20.01 4.32
CA LEU A 833 6.76 19.09 3.24
C LEU A 833 6.78 19.78 1.89
N GLU A 834 6.53 21.10 1.84
CA GLU A 834 6.60 21.82 0.58
C GLU A 834 8.04 22.06 0.14
N SER A 835 8.96 22.22 1.11
CA SER A 835 10.37 22.36 0.74
C SER A 835 10.95 21.08 0.16
N ARG A 836 10.32 19.94 0.39
CA ARG A 836 10.80 18.66 -0.13
C ARG A 836 10.19 18.30 -1.48
N GLY A 837 9.27 19.10 -2.00
CA GLY A 837 8.71 18.86 -3.32
C GLY A 837 7.41 18.07 -3.32
N GLY A 838 6.32 18.72 -3.67
CA GLY A 838 5.02 18.06 -3.74
C GLY A 838 3.99 18.97 -4.34
N PHE A 839 2.81 18.40 -4.57
CA PHE A 839 1.69 19.13 -5.15
C PHE A 839 0.44 18.87 -4.34
N SER A 840 -0.41 19.89 -4.23
CA SER A 840 -1.70 19.77 -3.59
C SER A 840 -2.75 20.51 -4.42
N ASN A 841 -3.99 20.02 -4.36
CA ASN A 841 -5.07 20.65 -5.12
C ASN A 841 -5.40 22.05 -4.61
N THR A 842 -5.01 22.37 -3.38
CA THR A 842 -5.19 23.73 -2.87
C THR A 842 -4.46 24.75 -3.72
N ASP A 843 -3.26 24.40 -4.20
CA ASP A 843 -2.51 25.29 -5.06
C ASP A 843 -3.26 25.57 -6.36
N TYR A 844 -3.83 24.53 -6.97
CA TYR A 844 -4.61 24.73 -8.19
C TYR A 844 -5.84 25.57 -7.92
N LEU A 845 -6.53 25.31 -6.81
CA LEU A 845 -7.75 26.05 -6.48
C LEU A 845 -7.45 27.53 -6.25
N MET A 846 -6.35 27.83 -5.56
CA MET A 846 -6.03 29.20 -5.20
C MET A 846 -5.16 29.92 -6.22
N LYS A 847 -4.73 29.24 -7.28
CA LYS A 847 -3.94 29.92 -8.31
C LYS A 847 -4.51 29.80 -9.72
N GLU A 848 -5.59 29.05 -9.93
CA GLU A 848 -6.10 28.88 -11.29
C GLU A 848 -7.60 29.15 -11.37
N VAL A 849 -8.31 28.98 -10.26
CA VAL A 849 -9.76 29.13 -10.23
C VAL A 849 -10.18 30.34 -9.41
N MET A 850 -9.47 30.61 -8.31
CA MET A 850 -9.85 31.72 -7.43
C MET A 850 -9.86 33.09 -8.09
N PRO A 851 -8.88 33.51 -8.89
CA PRO A 851 -8.95 34.85 -9.49
C PRO A 851 -10.10 35.06 -10.46
N LEU A 852 -10.73 33.99 -10.95
CA LEU A 852 -11.78 34.10 -11.95
C LEU A 852 -13.16 34.33 -11.36
N ILE A 853 -13.33 34.26 -10.05
CA ILE A 853 -14.64 34.35 -9.43
C ILE A 853 -14.66 35.50 -8.42
N THR A 854 -15.86 35.98 -8.12
CA THR A 854 -16.09 37.03 -7.16
C THR A 854 -16.93 36.49 -6.02
N PHE A 855 -16.51 36.76 -4.78
CA PHE A 855 -17.16 36.23 -3.60
C PHE A 855 -18.14 37.24 -3.03
N GLU A 856 -19.16 36.73 -2.34
CA GLU A 856 -20.12 37.58 -1.66
C GLU A 856 -19.43 38.27 -0.47
N LYS A 857 -19.64 39.56 -0.33
CA LYS A 857 -18.95 40.36 0.67
C LYS A 857 -19.78 40.50 1.94
N ASN A 858 -19.10 40.80 3.04
CA ASN A 858 -19.72 40.98 4.34
C ASN A 858 -20.12 42.44 4.51
N GLU A 859 -20.59 42.79 5.71
CA GLU A 859 -20.91 44.19 6.01
C GLU A 859 -19.65 45.03 6.12
N LYS A 860 -18.58 44.47 6.67
CA LYS A 860 -17.31 45.19 6.76
C LYS A 860 -16.71 45.43 5.38
N GLY A 861 -16.79 44.44 4.51
CA GLY A 861 -16.22 44.55 3.18
C GLY A 861 -15.29 43.40 2.85
N SER A 862 -15.23 42.41 3.72
CA SER A 862 -14.40 41.23 3.54
C SER A 862 -15.23 40.09 2.95
N ILE A 863 -14.57 38.97 2.67
CA ILE A 863 -15.25 37.82 2.11
C ILE A 863 -16.16 37.21 3.17
N LYS A 864 -17.40 36.90 2.78
CA LYS A 864 -18.34 36.27 3.69
C LYS A 864 -17.89 34.85 4.00
N GLY A 865 -17.90 34.49 5.28
CA GLY A 865 -17.34 33.22 5.69
C GLY A 865 -15.85 33.15 5.48
N ASN A 866 -15.13 34.21 5.86
CA ASN A 866 -13.71 34.33 5.53
C ASN A 866 -12.89 33.29 6.27
N THR A 867 -13.16 33.10 7.56
CA THR A 867 -12.31 32.24 8.40
C THR A 867 -12.30 30.79 7.94
N GLN A 868 -13.45 30.13 8.10
CA GLN A 868 -13.51 28.68 7.96
C GLN A 868 -13.04 28.23 6.59
N MET A 869 -13.47 28.94 5.55
CA MET A 869 -13.07 28.63 4.18
C MET A 869 -11.56 28.48 4.07
N PHE A 870 -10.82 29.50 4.54
CA PHE A 870 -9.38 29.44 4.45
C PHE A 870 -8.84 28.24 5.22
N VAL A 871 -9.35 28.04 6.44
CA VAL A 871 -8.92 26.88 7.23
C VAL A 871 -9.14 25.61 6.45
N ALA A 872 -10.32 25.48 5.82
CA ALA A 872 -10.63 24.29 5.05
C ALA A 872 -9.56 24.06 4.00
N LEU A 873 -9.24 25.10 3.22
CA LEU A 873 -8.24 24.95 2.18
C LEU A 873 -6.93 24.50 2.78
N SER A 874 -6.50 25.17 3.86
CA SER A 874 -5.23 24.81 4.49
C SER A 874 -5.24 23.35 4.91
N ARG A 875 -6.34 22.90 5.51
CA ARG A 875 -6.44 21.51 5.95
C ARG A 875 -6.11 20.58 4.81
N ASN A 876 -6.77 20.79 3.67
CA ASN A 876 -6.59 19.90 2.52
C ASN A 876 -5.13 19.79 2.17
N LYS A 877 -4.46 20.95 2.05
CA LYS A 877 -3.07 20.96 1.60
C LYS A 877 -2.24 20.06 2.48
N THR A 878 -2.33 20.26 3.80
CA THR A 878 -1.47 19.51 4.71
C THR A 878 -1.69 18.02 4.53
N ASN A 879 -2.96 17.60 4.53
CA ASN A 879 -3.25 16.17 4.45
C ASN A 879 -2.71 15.61 3.15
N GLU A 880 -2.94 16.33 2.04
CA GLU A 880 -2.49 15.83 0.75
C GLU A 880 -0.98 15.65 0.75
N LEU A 881 -0.26 16.65 1.29
CA LEU A 881 1.19 16.55 1.32
C LEU A 881 1.62 15.32 2.10
N MET A 882 1.00 15.10 3.26
CA MET A 882 1.36 13.93 4.06
C MET A 882 1.15 12.65 3.28
N LEU A 883 0.01 12.57 2.57
CA LEU A 883 -0.26 11.36 1.81
C LEU A 883 0.83 11.11 0.79
N TRP A 884 1.27 12.17 0.10
CA TRP A 884 2.31 11.99 -0.91
C TRP A 884 3.58 11.44 -0.28
N GLU A 885 3.93 11.95 0.90
CA GLU A 885 5.12 11.44 1.59
C GLU A 885 5.01 9.94 1.80
N ILE A 886 3.85 9.49 2.28
CA ILE A 886 3.66 8.06 2.52
C ILE A 886 3.83 7.30 1.22
N GLY A 887 3.27 7.82 0.12
CA GLY A 887 3.44 7.18 -1.16
C GLY A 887 4.90 7.03 -1.53
N LYS A 888 5.67 8.10 -1.33
CA LYS A 888 7.09 8.03 -1.65
C LYS A 888 7.79 6.96 -0.83
N TYR A 889 7.37 6.81 0.43
CA TYR A 889 7.94 5.77 1.28
C TYR A 889 7.77 4.41 0.65
N TYR A 890 6.55 4.13 0.16
CA TYR A 890 6.30 2.82 -0.45
C TYR A 890 7.14 2.64 -1.71
N TRP A 891 7.41 3.73 -2.43
CA TRP A 891 8.31 3.64 -3.58
C TRP A 891 9.67 3.13 -3.15
N LYS A 892 10.20 3.66 -2.04
CA LYS A 892 11.48 3.19 -1.53
C LYS A 892 11.40 1.73 -1.11
N GLU A 893 10.22 1.28 -0.68
CA GLU A 893 10.07 -0.12 -0.30
C GLU A 893 9.94 -1.03 -1.50
N ALA A 894 9.69 -0.49 -2.69
CA ALA A 894 9.50 -1.30 -3.88
C ALA A 894 10.76 -1.36 -4.75
N THR A 895 11.26 -0.20 -5.18
CA THR A 895 12.41 -0.15 -6.06
C THR A 895 13.73 -0.05 -5.32
N GLY A 896 13.71 0.24 -4.03
CA GLY A 896 14.94 0.37 -3.26
C GLY A 896 15.67 1.68 -3.44
N SER A 897 15.10 2.63 -4.17
CA SER A 897 15.74 3.92 -4.41
C SER A 897 14.79 5.05 -4.03
N GLU A 898 15.36 6.18 -3.66
CA GLU A 898 14.57 7.34 -3.27
C GLU A 898 13.90 7.98 -4.48
N PHE A 899 12.78 8.66 -4.22
CA PHE A 899 12.05 9.39 -5.24
C PHE A 899 12.55 10.83 -5.24
N SER A 900 13.47 11.16 -6.14
CA SER A 900 14.07 12.48 -6.22
C SER A 900 13.62 13.14 -7.52
N ARG A 901 12.73 14.12 -7.42
CA ARG A 901 12.24 14.84 -8.58
C ARG A 901 11.76 16.21 -8.13
N LEU A 902 11.96 17.21 -8.97
CA LEU A 902 11.58 18.59 -8.67
C LEU A 902 10.24 18.90 -9.33
N PHE A 903 9.27 19.30 -8.53
CA PHE A 903 7.95 19.64 -9.02
C PHE A 903 7.88 21.13 -9.32
N LYS A 904 7.44 21.46 -10.53
CA LYS A 904 7.35 22.86 -10.94
C LYS A 904 6.23 23.56 -10.18
N GLY A 905 6.44 24.85 -9.90
CA GLY A 905 5.45 25.64 -9.19
C GLY A 905 4.49 26.33 -10.15
N LEU A 906 3.28 26.56 -9.67
CA LEU A 906 2.23 27.17 -10.47
C LEU A 906 2.39 28.69 -10.50
N GLU A 907 1.66 29.31 -11.42
CA GLU A 907 1.65 30.77 -11.59
C GLU A 907 0.22 31.27 -11.53
N LYS A 908 0.03 32.42 -10.88
CA LYS A 908 -1.30 32.98 -10.70
C LYS A 908 -1.94 33.32 -12.05
N ASN A 909 -3.25 33.13 -12.12
CA ASN A 909 -3.99 33.37 -13.35
C ASN A 909 -4.17 34.87 -13.58
N THR A 910 -3.84 35.32 -14.80
CA THR A 910 -3.99 36.72 -15.18
C THR A 910 -4.93 36.88 -16.37
N GLY A 911 -5.91 35.99 -16.50
CA GLY A 911 -6.84 36.05 -17.60
C GLY A 911 -8.29 35.89 -17.17
N ASN A 912 -9.17 35.61 -18.11
CA ASN A 912 -10.59 35.39 -17.83
C ASN A 912 -11.03 33.97 -18.12
N LYS A 913 -10.11 33.10 -18.49
CA LYS A 913 -10.40 31.70 -18.76
C LYS A 913 -9.40 30.83 -18.00
N ILE A 914 -9.68 29.52 -17.95
CA ILE A 914 -8.81 28.60 -17.23
C ILE A 914 -7.43 28.53 -17.89
N THR A 915 -7.40 28.29 -19.20
CA THR A 915 -6.18 28.27 -20.04
C THR A 915 -5.10 27.33 -19.50
N LYS A 916 -5.43 26.44 -18.57
CA LYS A 916 -4.46 25.50 -18.02
C LYS A 916 -5.21 24.23 -17.66
N ALA A 917 -5.00 23.18 -18.46
CA ALA A 917 -5.74 21.93 -18.25
C ALA A 917 -5.36 21.29 -16.92
N TYR A 918 -6.36 20.72 -16.25
CA TYR A 918 -6.11 20.06 -14.97
C TYR A 918 -5.24 18.82 -15.15
N ARG A 919 -5.48 18.04 -16.21
CA ARG A 919 -4.70 16.83 -16.44
C ARG A 919 -3.28 17.12 -16.90
N PHE A 920 -2.98 18.36 -17.28
CA PHE A 920 -1.62 18.75 -17.61
C PHE A 920 -0.92 19.51 -16.48
N THR A 921 -1.69 20.08 -15.55
CA THR A 921 -1.14 20.80 -14.41
C THR A 921 -0.91 19.88 -13.22
N ASN A 922 -1.80 18.91 -13.00
CA ASN A 922 -1.62 17.95 -11.93
C ASN A 922 -0.47 17.01 -12.28
N PRO A 923 0.61 16.96 -11.49
CA PRO A 923 1.76 16.13 -11.88
C PRO A 923 1.56 14.65 -11.67
N TYR A 924 0.58 14.24 -10.87
CA TYR A 924 0.35 12.82 -10.64
C TYR A 924 -0.30 12.12 -11.83
N TYR A 925 -0.82 12.88 -12.80
CA TYR A 925 -1.30 12.26 -14.03
C TYR A 925 -0.14 11.82 -14.90
N THR A 926 0.89 12.65 -15.03
CA THR A 926 2.11 12.30 -15.76
C THR A 926 3.24 12.21 -14.73
N ILE A 927 3.34 11.04 -14.10
CA ILE A 927 4.41 10.77 -13.15
C ILE A 927 5.30 9.63 -13.60
N TYR A 928 4.87 8.84 -14.59
CA TYR A 928 5.66 7.76 -15.16
C TYR A 928 6.41 8.20 -16.41
N GLN A 929 6.38 9.49 -16.75
CA GLN A 929 6.98 9.97 -17.98
C GLN A 929 7.98 11.09 -17.74
N GLU A 930 8.49 11.23 -16.52
CA GLU A 930 9.48 12.24 -16.20
C GLU A 930 10.68 11.59 -15.51
N ASP A 931 11.88 12.03 -15.87
CA ASP A 931 13.09 11.42 -15.36
C ASP A 931 13.25 11.63 -13.86
N LEU A 932 13.80 10.63 -13.19
CA LEU A 932 14.13 10.70 -11.78
C LEU A 932 15.64 10.62 -11.60
N ASP A 933 16.11 11.14 -10.47
CA ASP A 933 17.54 11.18 -10.17
C ASP A 933 17.92 10.02 -9.27
N ILE A 934 19.05 9.39 -9.58
CA ILE A 934 19.64 8.37 -8.73
C ILE A 934 21.11 8.72 -8.47
N LYS A 935 21.57 8.44 -7.27
CA LYS A 935 22.95 8.70 -6.87
C LYS A 935 23.75 7.41 -6.94
N ILE A 936 24.87 7.45 -7.65
CA ILE A 936 25.74 6.31 -7.83
C ILE A 936 27.07 6.61 -7.15
N GLN A 937 27.50 5.70 -6.28
CA GLN A 937 28.76 5.83 -5.55
C GLN A 937 29.48 4.50 -5.58
N ARG A 938 30.80 4.54 -5.40
CA ARG A 938 31.59 3.33 -5.41
C ARG A 938 31.25 2.47 -4.19
N LYS A 939 30.92 1.20 -4.45
CA LYS A 939 30.49 0.30 -3.39
C LYS A 939 31.61 -0.55 -2.81
N ASP A 940 32.68 -0.75 -3.57
CA ASP A 940 33.83 -1.57 -3.16
C ASP A 940 33.33 -2.97 -2.82
N LYS A 941 33.49 -3.45 -1.59
CA LYS A 941 33.04 -4.78 -1.20
C LYS A 941 31.91 -4.66 -0.19
N LYS A 942 30.82 -5.39 -0.44
CA LYS A 942 29.65 -5.43 0.43
C LYS A 942 29.03 -4.04 0.61
N GLY A 943 28.20 -3.89 1.63
CA GLY A 943 27.55 -2.62 1.89
C GLY A 943 28.44 -1.65 2.63
N LYS A 944 29.47 -1.12 1.95
CA LYS A 944 30.42 -0.19 2.55
C LYS A 944 30.76 0.87 1.50
N VAL A 945 30.04 1.99 1.54
CA VAL A 945 30.35 3.10 0.64
C VAL A 945 31.63 3.79 1.11
N ILE A 946 32.54 4.03 0.17
CA ILE A 946 33.80 4.68 0.50
C ILE A 946 33.55 6.16 0.74
N VAL A 947 33.98 6.65 1.91
CA VAL A 947 33.83 8.07 2.20
C VAL A 947 34.86 8.87 1.40
N ASN A 948 34.57 10.16 1.22
CA ASN A 948 35.39 11.09 0.45
C ASN A 948 35.56 10.62 -1.00
N SER A 949 34.56 9.91 -1.51
CA SER A 949 34.52 9.45 -2.89
C SER A 949 33.47 10.21 -3.68
N PRO A 950 33.69 10.44 -4.97
CA PRO A 950 32.72 11.20 -5.76
C PRO A 950 31.38 10.49 -5.86
N VAL A 951 30.32 11.29 -5.93
CA VAL A 951 28.96 10.81 -6.07
C VAL A 951 28.39 11.36 -7.38
N TYR A 952 27.88 10.47 -8.22
CA TYR A 952 27.37 10.85 -9.53
C TYR A 952 25.85 10.84 -9.53
N THR A 953 25.25 11.71 -10.33
CA THR A 953 23.81 11.81 -10.46
C THR A 953 23.40 11.40 -11.86
N ILE A 954 22.48 10.44 -11.96
CA ILE A 954 22.05 9.86 -13.23
C ILE A 954 20.53 9.96 -13.33
N LYS A 955 20.05 10.40 -14.48
CA LYS A 955 18.62 10.49 -14.71
C LYS A 955 18.12 9.22 -15.39
N ILE A 956 17.07 8.63 -14.84
CA ILE A 956 16.52 7.37 -15.30
C ILE A 956 15.01 7.48 -15.34
N LYS A 957 14.40 6.96 -16.41
CA LYS A 957 12.96 6.96 -16.53
C LYS A 957 12.35 6.06 -15.46
N PRO A 958 11.17 6.43 -14.94
CA PRO A 958 10.59 5.66 -13.83
C PRO A 958 9.95 4.34 -14.24
N LYS A 959 9.85 4.05 -15.53
CA LYS A 959 9.36 2.76 -15.99
C LYS A 959 10.49 1.74 -16.13
N LYS A 960 11.74 2.14 -15.92
CA LYS A 960 12.87 1.24 -15.94
C LYS A 960 13.32 0.85 -14.54
N PHE A 961 12.55 1.21 -13.52
CA PHE A 961 12.93 0.92 -12.14
C PHE A 961 12.54 -0.50 -11.70
N ASP A 962 11.77 -1.22 -12.50
CA ASP A 962 11.32 -2.55 -12.12
C ASP A 962 11.86 -3.67 -13.00
N ASP A 963 12.51 -3.36 -14.12
CA ASP A 963 12.99 -4.39 -15.02
C ASP A 963 14.51 -4.43 -15.13
N GLU A 964 15.14 -3.32 -15.51
CA GLU A 964 16.57 -3.31 -15.79
C GLU A 964 17.30 -2.38 -14.84
N TYR A 965 16.83 -2.32 -13.60
CA TYR A 965 17.51 -1.59 -12.54
C TYR A 965 17.72 -2.40 -11.28
N GLN A 966 16.90 -3.42 -11.02
CA GLN A 966 17.11 -4.27 -9.85
C GLN A 966 18.34 -5.13 -10.06
N TYR A 967 19.24 -5.12 -9.07
CA TYR A 967 20.47 -5.90 -9.10
C TYR A 967 21.29 -5.63 -10.35
N TYR A 968 21.79 -4.40 -10.48
CA TYR A 968 22.46 -3.97 -11.71
C TYR A 968 23.98 -3.94 -11.61
N GLU A 969 24.56 -4.10 -10.42
CA GLU A 969 26.01 -4.07 -10.22
C GLU A 969 26.59 -2.73 -10.68
N GLN A 970 26.25 -1.69 -9.89
CA GLN A 970 26.66 -0.30 -10.14
C GLN A 970 28.17 -0.13 -10.31
N GLU A 971 28.98 -1.12 -9.94
CA GLU A 971 30.42 -1.04 -10.14
C GLU A 971 30.75 -0.85 -11.61
N HIS A 972 30.00 -1.50 -12.50
CA HIS A 972 30.20 -1.29 -13.92
C HIS A 972 29.91 0.16 -14.31
N ILE A 973 28.86 0.75 -13.72
CA ILE A 973 28.51 2.13 -14.03
C ILE A 973 29.62 3.09 -13.60
N VAL A 974 30.12 2.93 -12.37
CA VAL A 974 31.15 3.86 -11.90
C VAL A 974 32.46 3.63 -12.66
N ASP A 975 32.75 2.38 -13.03
CA ASP A 975 33.95 2.11 -13.81
C ASP A 975 33.86 2.74 -15.19
N TYR A 976 32.70 2.67 -15.83
CA TYR A 976 32.54 3.28 -17.15
C TYR A 976 32.58 4.80 -17.06
N ILE A 977 32.02 5.37 -16.00
CA ILE A 977 32.01 6.83 -15.87
C ILE A 977 33.42 7.35 -15.59
N GLU A 978 34.18 6.65 -14.74
CA GLU A 978 35.50 7.13 -14.35
C GLU A 978 36.53 6.84 -15.44
N ASN A 979 36.70 5.56 -15.78
CA ASN A 979 37.79 5.16 -16.69
C ASN A 979 37.58 5.72 -18.09
N TYR A 980 36.36 5.62 -18.61
CA TYR A 980 36.05 6.25 -19.89
C TYR A 980 35.77 7.73 -19.66
N GLU A 981 35.49 8.45 -20.74
CA GLU A 981 35.13 9.87 -20.67
C GLU A 981 33.85 10.07 -21.48
N PRO A 982 32.71 9.66 -20.94
CA PRO A 982 31.45 9.82 -21.68
C PRO A 982 31.07 11.29 -21.81
N LYS A 983 30.38 11.59 -22.90
CA LYS A 983 29.90 12.95 -23.13
C LYS A 983 28.47 13.10 -22.65
N LYS A 984 28.14 14.31 -22.22
CA LYS A 984 26.80 14.62 -21.75
C LYS A 984 25.99 15.21 -22.90
N GLY A 985 24.83 14.62 -23.17
CA GLY A 985 24.04 15.01 -24.32
C GLY A 985 23.30 16.32 -24.14
N ILE A 986 22.22 16.51 -24.90
CA ILE A 986 21.39 17.71 -24.76
C ILE A 986 20.76 17.69 -23.38
N ASP A 987 20.90 18.81 -22.66
CA ASP A 987 20.59 18.88 -21.23
C ASP A 987 21.40 17.78 -20.53
N GLY A 988 22.71 18.03 -20.52
CA GLY A 988 23.68 17.04 -20.09
C GLY A 988 23.50 16.52 -18.69
N HIS A 989 23.04 15.27 -18.56
CA HIS A 989 22.76 14.71 -17.25
C HIS A 989 23.13 13.23 -17.10
N TRP A 990 23.84 12.64 -18.06
CA TRP A 990 24.32 11.25 -17.98
C TRP A 990 23.16 10.27 -17.79
N HIS A 991 22.35 10.17 -18.83
CA HIS A 991 21.18 9.29 -18.79
C HIS A 991 21.60 7.83 -18.64
N PHE A 992 20.78 7.08 -17.89
CA PHE A 992 21.03 5.65 -17.68
C PHE A 992 20.98 4.89 -19.00
N GLU A 993 20.08 5.30 -19.90
CA GLU A 993 20.05 4.76 -21.24
C GLU A 993 21.27 5.22 -22.03
N GLU A 994 21.74 4.33 -22.90
CA GLU A 994 22.95 4.38 -23.70
C GLU A 994 24.19 4.18 -22.83
N LEU A 995 24.07 4.43 -21.53
CA LEU A 995 25.09 3.96 -20.61
C LEU A 995 24.97 2.46 -20.44
N ASN A 996 23.74 1.97 -20.31
CA ASN A 996 23.50 0.53 -20.32
C ASN A 996 24.02 -0.11 -21.60
N LYS A 997 23.82 0.55 -22.75
CA LYS A 997 24.25 -0.02 -24.02
C LYS A 997 25.77 -0.12 -24.12
N LYS A 998 26.47 0.98 -23.80
CA LYS A 998 27.93 0.94 -23.86
C LYS A 998 28.50 -0.05 -22.85
N ILE A 999 27.89 -0.13 -21.67
CA ILE A 999 28.34 -1.08 -20.66
C ILE A 999 28.17 -2.51 -21.15
N LYS A 1000 27.04 -2.80 -21.81
CA LYS A 1000 26.81 -4.15 -22.33
C LYS A 1000 27.81 -4.50 -23.43
N ASP A 1001 28.13 -3.54 -24.30
CA ASP A 1001 29.13 -3.80 -25.33
C ASP A 1001 30.51 -4.08 -24.72
N GLU A 1002 30.90 -3.29 -23.73
CA GLU A 1002 32.17 -3.53 -23.06
C GLU A 1002 32.18 -4.88 -22.34
N LEU A 1003 31.03 -5.27 -21.77
CA LEU A 1003 30.93 -6.55 -21.11
C LEU A 1003 31.10 -7.71 -22.09
N ALA A 1004 30.53 -7.58 -23.29
CA ALA A 1004 30.73 -8.61 -24.31
C ALA A 1004 32.19 -8.72 -24.71
N ARG A 1005 32.85 -7.57 -24.91
CA ARG A 1005 34.28 -7.59 -25.24
C ARG A 1005 35.09 -8.25 -24.13
N TYR A 1006 34.79 -7.93 -22.88
CA TYR A 1006 35.49 -8.54 -21.77
C TYR A 1006 35.23 -10.03 -21.66
N LEU A 1007 34.01 -10.47 -22.02
CA LEU A 1007 33.72 -11.90 -22.02
C LEU A 1007 34.57 -12.64 -23.05
N ASP A 1008 34.71 -12.05 -24.24
CA ASP A 1008 35.61 -12.63 -25.23
C ASP A 1008 37.05 -12.69 -24.70
N ASP A 1009 37.48 -11.63 -24.03
CA ASP A 1009 38.85 -11.58 -23.50
C ASP A 1009 39.08 -12.64 -22.44
N ILE A 1010 38.13 -12.83 -21.52
CA ILE A 1010 38.34 -13.81 -20.45
C ILE A 1010 38.31 -15.22 -21.04
N TYR A 1011 37.46 -15.46 -22.04
CA TYR A 1011 37.46 -16.77 -22.69
C TYR A 1011 38.82 -17.07 -23.30
N LEU A 1012 39.38 -16.11 -24.05
CA LEU A 1012 40.68 -16.33 -24.69
C LEU A 1012 41.77 -16.54 -23.65
N LEU A 1013 41.81 -15.70 -22.62
CA LEU A 1013 42.86 -15.80 -21.61
C LEU A 1013 42.76 -17.11 -20.85
N MET A 1014 41.54 -17.55 -20.52
CA MET A 1014 41.36 -18.81 -19.81
C MET A 1014 41.81 -19.99 -20.65
N THR A 1015 41.50 -19.99 -21.95
CA THR A 1015 41.96 -21.07 -22.81
C THR A 1015 43.48 -21.12 -22.88
N VAL A 1016 44.13 -19.96 -23.05
CA VAL A 1016 45.59 -19.92 -23.14
C VAL A 1016 46.22 -20.37 -21.82
N GLU A 1017 45.67 -19.90 -20.70
CA GLU A 1017 46.18 -20.30 -19.39
C GLU A 1017 46.03 -21.79 -19.16
N LYS A 1018 44.89 -22.36 -19.54
CA LYS A 1018 44.67 -23.80 -19.37
C LYS A 1018 45.67 -24.60 -20.20
N HIS A 1019 45.89 -24.19 -21.45
CA HIS A 1019 46.87 -24.91 -22.26
C HIS A 1019 48.28 -24.78 -21.70
N ILE A 1020 48.63 -23.60 -21.20
CA ILE A 1020 49.98 -23.40 -20.65
C ILE A 1020 50.18 -24.26 -19.40
N VAL A 1021 49.19 -24.28 -18.51
CA VAL A 1021 49.33 -25.03 -17.27
C VAL A 1021 49.34 -26.53 -17.53
N GLN A 1022 48.48 -27.01 -18.44
CA GLN A 1022 48.34 -28.44 -18.66
C GLN A 1022 49.60 -29.08 -19.23
N LYS A 1023 50.53 -28.30 -19.77
CA LYS A 1023 51.74 -28.84 -20.38
C LYS A 1023 52.93 -28.79 -19.43
N ASP A 1024 53.28 -27.59 -18.96
CA ASP A 1024 54.50 -27.42 -18.12
C ASP A 1024 54.27 -27.59 -16.62
N PHE A 1025 53.58 -28.65 -16.24
CA PHE A 1025 53.31 -28.93 -14.83
C PHE A 1025 54.60 -29.12 -14.04
N ASP A 1026 55.55 -29.87 -14.58
CA ASP A 1026 56.84 -30.03 -13.91
C ASP A 1026 57.60 -28.72 -13.87
N LYS A 1027 57.56 -27.94 -14.96
CA LYS A 1027 58.21 -26.63 -14.97
C LYS A 1027 57.53 -25.67 -14.00
N TYR A 1028 56.20 -25.72 -13.90
CA TYR A 1028 55.49 -24.85 -12.96
C TYR A 1028 55.81 -25.22 -11.53
N ALA A 1029 55.92 -26.52 -11.23
CA ALA A 1029 56.20 -26.99 -9.89
C ALA A 1029 57.69 -26.97 -9.54
N SER A 1030 58.50 -26.23 -10.29
CA SER A 1030 59.93 -26.13 -10.02
C SER A 1030 60.33 -24.69 -9.70
N ILE A 1051 53.35 -13.95 -8.11
CA ILE A 1051 53.19 -15.39 -8.17
C ILE A 1051 54.08 -15.96 -9.27
N ALA A 1052 54.50 -17.22 -9.10
CA ALA A 1052 55.35 -17.87 -10.09
C ALA A 1052 54.57 -18.31 -11.32
N LEU A 1053 53.25 -18.47 -11.21
CA LEU A 1053 52.45 -18.88 -12.36
C LEU A 1053 52.47 -17.81 -13.45
N ASN A 1054 52.38 -16.54 -13.05
CA ASN A 1054 52.46 -15.44 -14.02
C ASN A 1054 53.83 -15.43 -14.70
N LYS A 1055 54.89 -15.69 -13.92
CA LYS A 1055 56.23 -15.76 -14.51
C LYS A 1055 56.34 -16.93 -15.49
N VAL A 1056 55.70 -18.06 -15.18
CA VAL A 1056 55.71 -19.20 -16.08
C VAL A 1056 55.02 -18.86 -17.39
N ILE A 1057 53.85 -18.20 -17.30
CA ILE A 1057 53.14 -17.78 -18.50
C ILE A 1057 53.97 -16.79 -19.30
N PHE A 1058 54.62 -15.84 -18.61
CA PHE A 1058 55.42 -14.83 -19.28
C PHE A 1058 56.61 -15.47 -20.00
N ASP A 1059 57.29 -16.43 -19.37
CA ASP A 1059 58.39 -17.11 -20.02
C ASP A 1059 57.90 -17.93 -21.22
N ALA A 1060 56.76 -18.59 -21.07
CA ALA A 1060 56.19 -19.37 -22.17
C ALA A 1060 55.24 -18.49 -22.98
N LEU A 1061 55.84 -17.53 -23.69
CA LEU A 1061 55.10 -16.59 -24.52
C LEU A 1061 56.03 -16.09 -25.62
N LYS A 1062 55.60 -15.04 -26.32
CA LYS A 1062 56.38 -14.49 -27.43
C LYS A 1062 56.73 -13.03 -27.20
N HIS A 1063 57.17 -12.70 -25.98
CA HIS A 1063 57.57 -11.35 -25.65
C HIS A 1063 59.04 -11.15 -25.94
N LYS A 1064 59.39 -9.98 -26.49
CA LYS A 1064 60.78 -9.57 -26.63
C LYS A 1064 61.08 -8.33 -25.81
N GLY A 1065 60.40 -7.22 -26.07
CA GLY A 1065 60.54 -6.02 -25.27
C GLY A 1065 59.24 -5.27 -25.12
N SER A 1066 58.17 -5.83 -25.70
CA SER A 1066 56.90 -5.12 -25.75
C SER A 1066 56.31 -4.94 -24.35
N PHE A 1067 56.38 -5.95 -23.51
CA PHE A 1067 55.83 -5.87 -22.17
C PHE A 1067 56.63 -6.73 -21.22
N SER A 1068 56.61 -6.37 -19.94
CA SER A 1068 57.26 -7.11 -18.89
C SER A 1068 56.24 -7.95 -18.14
N ALA A 1069 56.66 -8.57 -17.04
CA ALA A 1069 55.75 -9.36 -16.23
C ALA A 1069 54.72 -8.49 -15.54
N ASP A 1070 55.08 -7.24 -15.22
CA ASP A 1070 54.13 -6.34 -14.57
C ASP A 1070 52.95 -6.02 -15.48
N ASP A 1071 53.23 -5.81 -16.77
CA ASP A 1071 52.16 -5.52 -17.71
C ASP A 1071 51.25 -6.72 -17.89
N LEU A 1072 51.82 -7.92 -17.93
CA LEU A 1072 51.01 -9.13 -18.00
C LEU A 1072 50.15 -9.29 -16.76
N ASN A 1073 50.70 -8.99 -15.59
CA ASN A 1073 49.92 -9.05 -14.36
C ASN A 1073 48.77 -8.05 -14.40
N ILE A 1074 49.03 -6.83 -14.85
CA ILE A 1074 47.98 -5.81 -14.93
C ILE A 1074 46.88 -6.27 -15.89
N TYR A 1075 47.28 -6.81 -17.05
CA TYR A 1075 46.31 -7.32 -18.01
C TYR A 1075 45.48 -8.45 -17.40
N ARG A 1076 46.12 -9.36 -16.66
CA ARG A 1076 45.40 -10.48 -16.09
C ARG A 1076 44.39 -10.04 -15.03
N ILE A 1077 44.79 -9.12 -14.13
CA ILE A 1077 43.84 -8.64 -13.12
C ILE A 1077 42.72 -7.85 -13.77
N ASN A 1078 43.03 -7.09 -14.83
CA ASN A 1078 41.98 -6.33 -15.52
C ASN A 1078 40.97 -7.26 -16.19
N VAL A 1079 41.45 -8.30 -16.87
CA VAL A 1079 40.56 -9.18 -17.61
C VAL A 1079 39.75 -10.08 -16.66
N LEU A 1080 40.42 -10.63 -15.65
CA LEU A 1080 39.78 -11.60 -14.76
C LEU A 1080 38.62 -10.99 -14.00
N HIS A 1081 38.82 -9.79 -13.45
CA HIS A 1081 37.83 -9.15 -12.58
C HIS A 1081 36.90 -8.21 -13.34
N GLN A 1082 37.09 -8.04 -14.64
CA GLN A 1082 36.23 -7.22 -15.50
C GLN A 1082 36.16 -5.78 -15.00
N ILE A 1083 37.30 -5.11 -15.02
CA ILE A 1083 37.38 -3.69 -14.73
C ILE A 1083 37.32 -2.94 -16.07
N LEU A 1084 36.22 -2.22 -16.29
CA LEU A 1084 35.96 -1.61 -17.59
C LEU A 1084 36.94 -0.48 -17.86
N GLN A 1085 37.81 -0.68 -18.84
CA GLN A 1085 38.79 0.31 -19.27
C GLN A 1085 38.84 0.35 -20.78
N PRO A 1086 39.21 1.48 -21.38
CA PRO A 1086 39.33 1.54 -22.83
C PRO A 1086 40.50 0.69 -23.33
N LYS A 1087 40.62 0.64 -24.66
CA LYS A 1087 41.57 -0.27 -25.28
C LYS A 1087 43.01 0.07 -24.93
N ARG A 1088 43.35 1.36 -24.91
CA ARG A 1088 44.70 1.86 -24.61
C ARG A 1088 45.67 1.27 -25.65
N GLU A 1089 46.94 1.12 -25.29
CA GLU A 1089 47.96 0.64 -26.23
C GLU A 1089 48.63 -0.65 -25.77
N LYS A 1090 49.04 -0.73 -24.50
CA LYS A 1090 49.71 -1.92 -24.01
C LYS A 1090 48.80 -3.14 -23.97
N TYR A 1091 47.48 -2.92 -23.99
CA TYR A 1091 46.55 -4.04 -24.00
C TYR A 1091 46.49 -4.72 -25.36
N ILE A 1092 46.72 -3.97 -26.44
CA ILE A 1092 46.57 -4.52 -27.79
C ILE A 1092 47.68 -5.52 -28.10
N ILE A 1093 48.92 -5.21 -27.70
CA ILE A 1093 50.05 -6.07 -28.05
C ILE A 1093 49.95 -7.40 -27.31
N ILE A 1094 49.49 -7.39 -26.07
CA ILE A 1094 49.32 -8.64 -25.32
C ILE A 1094 48.24 -9.50 -25.98
N ARG A 1095 47.15 -8.87 -26.42
CA ARG A 1095 46.10 -9.62 -27.11
C ARG A 1095 46.61 -10.19 -28.43
N LYS A 1096 47.43 -9.43 -29.15
CA LYS A 1096 48.02 -9.94 -30.38
C LYS A 1096 48.93 -11.14 -30.11
N SER A 1097 49.72 -11.06 -29.04
CA SER A 1097 50.58 -12.18 -28.67
C SER A 1097 49.75 -13.42 -28.31
N LEU A 1098 48.66 -13.22 -27.56
CA LEU A 1098 47.81 -14.34 -27.19
C LEU A 1098 47.15 -14.97 -28.41
N ILE A 1099 46.70 -14.15 -29.36
CA ILE A 1099 46.09 -14.67 -30.58
C ILE A 1099 47.13 -15.41 -31.42
N GLU A 1100 48.36 -14.90 -31.46
CA GLU A 1100 49.43 -15.60 -32.18
C GLU A 1100 49.73 -16.95 -31.53
N TYR A 1101 49.74 -17.00 -30.20
CA TYR A 1101 49.92 -18.27 -29.51
C TYR A 1101 48.80 -19.25 -29.84
N CYS A 1102 47.56 -18.77 -29.84
CA CYS A 1102 46.42 -19.64 -30.13
C CYS A 1102 46.47 -20.16 -31.57
N ALA A 1103 46.88 -19.31 -32.51
CA ALA A 1103 46.95 -19.72 -33.91
C ALA A 1103 48.13 -20.63 -34.19
N GLU A 1104 49.23 -20.48 -33.44
CA GLU A 1104 50.40 -21.33 -33.66
C GLU A 1104 50.12 -22.78 -33.31
N ASN A 1105 49.40 -23.01 -32.21
CA ASN A 1105 49.07 -24.36 -31.77
C ASN A 1105 47.77 -24.89 -32.36
N LYS A 1106 46.98 -24.03 -32.99
CA LYS A 1106 45.68 -24.39 -33.58
C LYS A 1106 44.78 -25.06 -32.53
N LEU A 1107 44.60 -24.34 -31.41
CA LEU A 1107 43.89 -24.91 -30.27
C LEU A 1107 42.39 -24.94 -30.47
N LEU A 1108 41.81 -23.95 -31.16
CA LEU A 1108 40.37 -23.81 -31.27
C LEU A 1108 39.88 -23.92 -32.71
N LYS A 1109 40.60 -24.67 -33.54
CA LYS A 1109 40.21 -24.86 -34.94
C LYS A 1109 39.75 -26.27 -35.27
N THR A 1110 40.07 -27.26 -34.42
CA THR A 1110 39.64 -28.63 -34.68
C THR A 1110 38.15 -28.78 -34.43
N MET A 1111 37.55 -29.80 -35.05
CA MET A 1111 36.12 -30.03 -34.94
C MET A 1111 35.72 -30.48 -33.53
MG MG D . 9.17 -1.49 -16.80
MG MG E . -9.69 26.96 18.29
#